data_3HO5
#
_entry.id   3HO5
#
_cell.length_a   101.618
_cell.length_b   101.618
_cell.length_c   302.830
_cell.angle_alpha   90.00
_cell.angle_beta   90.00
_cell.angle_gamma   120.00
#
_symmetry.space_group_name_H-M   'P 31 2 1'
#
loop_
_entity.id
_entity.type
_entity.pdbx_description
1 polymer 'Hedgehog-interacting protein'
2 polymer 'Sonic hedgehog protein'
3 non-polymer 'ZINC ION'
4 non-polymer 'CALCIUM ION'
#
loop_
_entity_poly.entity_id
_entity_poly.type
_entity_poly.pdbx_seq_one_letter_code
_entity_poly.pdbx_strand_id
1 'polypeptide(L)'
;SNYLDQMEEYDKVEEISRKHKHNCFCIQEVVSGLRQPVGALHSGDGSQRLFILEKEGYVKILTPEGEIFKEPYLDIHKLV
QSGIKGGDERGLLSLAFHPNYKKNGKLYVSYTTNQERWAIGPHDHILRVVEYTVSRKNPHQVDLRTARVFLEVAELHRKH
LGGQLLFGPDGFLYIILGDGMITLDDMEEMDGLSDFTGSVLRLDVDTDMCNVPYSIPRSNPHFNSTNQPPEVFAHGLHDP
GRCAVDRHPTDININLTILCSDSNGKNRSSARILQIIKGKDYESEPSLLEFKPFSNGPLVGGFVYRGCQSERLYGSYVFG
DRNGNFLTLQQSPVTKQWQEKPLCLGTSGSCRGYFSGHILGFGEDELGEVYILSSSKSMTQTHNGKLYKIVDPKRPLMPE
ECRATVQPAQTLTSECSRLCRNGYCTPTGKCCCSPGWEGDFCRTAKCEPACRHGGVCVRPNKCLCKKGYLGPQCEHHHHH
H
;
A,B
2 'polypeptide(L)'
;GFGKRRHPKKLTPLAYKQFIPNVAEKTLGASGRYEGKISRNSERFKELTPNYNPDIIFKDEENTGADRLMTQRCKDKLNA
LAISVMNQWPGVKLRVTEGWDEDGHHSEESLHYEGRAVDITTSDRDRSKYGMLARLAVEAGFDWVYYESKAHIHCSVKAE
NSVAAKSGG
;
H
#
loop_
_chem_comp.id
_chem_comp.type
_chem_comp.name
_chem_comp.formula
CA non-polymer 'CALCIUM ION' 'Ca 2'
ZN non-polymer 'ZINC ION' 'Zn 2'
#
# COMPACT_ATOMS: atom_id res chain seq x y z
N HIS A 22 20.67 -15.07 -7.81
CA HIS A 22 19.89 -16.35 -7.74
C HIS A 22 19.20 -16.63 -9.09
N ASN A 23 18.69 -17.84 -9.25
CA ASN A 23 18.03 -18.23 -10.49
C ASN A 23 16.55 -18.63 -10.35
N CYS A 24 15.92 -18.17 -9.28
CA CYS A 24 14.54 -18.51 -8.99
C CYS A 24 13.59 -17.67 -9.83
N PHE A 25 12.36 -18.16 -9.97
CA PHE A 25 11.31 -17.33 -10.54
C PHE A 25 10.45 -16.75 -9.41
N CYS A 26 9.35 -16.12 -9.79
CA CYS A 26 8.73 -15.09 -8.98
C CYS A 26 7.23 -15.05 -9.24
N ILE A 27 6.39 -15.14 -8.21
CA ILE A 27 4.94 -15.02 -8.48
C ILE A 27 4.29 -13.75 -7.95
N GLN A 28 3.32 -13.25 -8.71
CA GLN A 28 2.68 -11.96 -8.46
C GLN A 28 1.15 -12.09 -8.54
N GLU A 29 0.44 -11.58 -7.53
CA GLU A 29 -1.01 -11.69 -7.52
C GLU A 29 -1.61 -10.72 -8.54
N VAL A 30 -2.39 -11.25 -9.47
CA VAL A 30 -3.08 -10.40 -10.45
C VAL A 30 -4.52 -10.07 -10.04
N VAL A 31 -5.29 -11.12 -9.71
CA VAL A 31 -6.72 -11.01 -9.39
C VAL A 31 -7.08 -11.97 -8.25
N SER A 32 -8.03 -11.56 -7.41
CA SER A 32 -8.58 -12.43 -6.38
C SER A 32 -10.11 -12.44 -6.40
N GLY A 33 -10.72 -13.08 -5.40
CA GLY A 33 -12.16 -13.15 -5.29
C GLY A 33 -12.86 -13.92 -6.39
N LEU A 34 -12.12 -14.78 -7.08
CA LEU A 34 -12.69 -15.66 -8.10
C LEU A 34 -13.35 -16.89 -7.45
N ARG A 35 -14.19 -17.59 -8.21
CA ARG A 35 -14.80 -18.82 -7.72
C ARG A 35 -14.10 -20.00 -8.39
N GLN A 36 -13.51 -20.90 -7.60
CA GLN A 36 -12.80 -22.08 -8.12
C GLN A 36 -12.36 -21.96 -9.57
N PRO A 37 -11.22 -21.30 -9.81
CA PRO A 37 -10.72 -21.16 -11.18
C PRO A 37 -10.24 -22.48 -11.79
N VAL A 38 -10.35 -22.59 -13.11
CA VAL A 38 -10.05 -23.83 -13.81
C VAL A 38 -8.82 -23.62 -14.69
N GLY A 39 -8.71 -22.41 -15.25
CA GLY A 39 -7.66 -22.04 -16.20
C GLY A 39 -7.94 -20.66 -16.75
N ALA A 40 -7.08 -20.17 -17.64
CA ALA A 40 -7.31 -18.89 -18.32
C ALA A 40 -6.60 -18.86 -19.66
N LEU A 41 -7.20 -18.19 -20.64
CA LEU A 41 -6.56 -18.04 -21.94
C LEU A 41 -6.95 -16.73 -22.63
N HIS A 42 -6.40 -16.52 -23.82
CA HIS A 42 -6.63 -15.29 -24.57
C HIS A 42 -7.39 -15.58 -25.84
N SER A 43 -7.87 -14.50 -26.45
CA SER A 43 -8.77 -14.55 -27.58
C SER A 43 -8.05 -14.68 -28.92
N GLY A 44 -6.77 -14.30 -28.93
CA GLY A 44 -5.95 -14.29 -30.14
C GLY A 44 -6.36 -13.20 -31.12
N ASP A 45 -7.10 -12.21 -30.63
CA ASP A 45 -7.72 -11.22 -31.50
C ASP A 45 -7.05 -9.84 -31.47
N GLY A 46 -6.02 -9.69 -30.63
CA GLY A 46 -5.25 -8.44 -30.60
C GLY A 46 -5.51 -7.62 -29.35
N SER A 47 -6.74 -7.69 -28.86
CA SER A 47 -7.07 -7.20 -27.52
C SER A 47 -6.42 -8.17 -26.57
N GLN A 48 -5.61 -7.67 -25.66
CA GLN A 48 -4.91 -8.56 -24.76
C GLN A 48 -5.84 -8.94 -23.60
N ARG A 49 -7.08 -9.27 -23.94
CA ARG A 49 -8.06 -9.80 -23.00
C ARG A 49 -7.59 -11.14 -22.45
N LEU A 50 -7.96 -11.42 -21.22
CA LEU A 50 -7.68 -12.72 -20.63
C LEU A 50 -8.98 -13.29 -20.08
N PHE A 51 -9.35 -14.46 -20.58
CA PHE A 51 -10.59 -15.09 -20.25
C PHE A 51 -10.32 -16.15 -19.20
N ILE A 52 -10.87 -15.97 -17.99
CA ILE A 52 -10.68 -16.94 -16.92
C ILE A 52 -11.90 -17.81 -16.61
N LEU A 53 -11.66 -19.14 -16.58
CA LEU A 53 -12.71 -20.13 -16.37
C LEU A 53 -12.96 -20.41 -14.90
N GLU A 54 -14.23 -20.50 -14.53
CA GLU A 54 -14.63 -20.89 -13.18
C GLU A 54 -15.47 -22.18 -13.24
N LYS A 55 -15.27 -23.06 -12.27
CA LYS A 55 -15.75 -24.44 -12.36
C LYS A 55 -17.27 -24.58 -12.36
N GLU A 56 -17.97 -23.62 -11.76
CA GLU A 56 -19.43 -23.68 -11.70
C GLU A 56 -20.05 -23.41 -13.07
N GLY A 57 -19.26 -22.81 -13.97
CA GLY A 57 -19.69 -22.56 -15.36
C GLY A 57 -19.72 -21.10 -15.79
N TYR A 58 -18.65 -20.37 -15.50
CA TYR A 58 -18.51 -18.97 -15.91
C TYR A 58 -17.18 -18.74 -16.62
N VAL A 59 -17.20 -17.88 -17.63
CA VAL A 59 -15.97 -17.33 -18.18
C VAL A 59 -15.99 -15.82 -18.00
N LYS A 60 -15.05 -15.32 -17.20
CA LYS A 60 -14.91 -13.89 -16.94
C LYS A 60 -13.74 -13.29 -17.74
N ILE A 61 -13.84 -12.01 -18.06
CA ILE A 61 -12.81 -11.30 -18.82
C ILE A 61 -11.95 -10.47 -17.88
N LEU A 62 -10.63 -10.60 -18.02
CA LEU A 62 -9.71 -9.69 -17.36
C LEU A 62 -9.12 -8.77 -18.41
N THR A 63 -9.27 -7.48 -18.16
CA THR A 63 -8.84 -6.45 -19.07
C THR A 63 -7.31 -6.29 -18.94
N PRO A 64 -6.62 -5.96 -20.06
CA PRO A 64 -5.15 -5.94 -20.04
C PRO A 64 -4.64 -4.84 -19.12
N GLU A 65 -5.55 -3.96 -18.75
CA GLU A 65 -5.31 -2.86 -17.85
C GLU A 65 -5.69 -3.29 -16.42
N GLY A 66 -6.23 -4.50 -16.29
CA GLY A 66 -6.46 -5.12 -14.98
C GLY A 66 -7.85 -5.11 -14.36
N GLU A 67 -8.91 -4.89 -15.15
CA GLU A 67 -10.30 -4.90 -14.64
C GLU A 67 -11.05 -6.20 -14.94
N ILE A 68 -11.76 -6.73 -13.96
CA ILE A 68 -12.67 -7.84 -14.24
C ILE A 68 -14.04 -7.24 -14.56
N PHE A 69 -14.52 -7.49 -15.77
CA PHE A 69 -15.82 -6.99 -16.16
C PHE A 69 -16.89 -7.60 -15.27
N LYS A 70 -17.85 -6.78 -14.82
CA LYS A 70 -18.90 -7.24 -13.91
C LYS A 70 -19.77 -8.28 -14.59
N GLU A 71 -20.16 -8.03 -15.84
CA GLU A 71 -20.89 -9.01 -16.61
C GLU A 71 -19.95 -10.09 -17.14
N PRO A 72 -20.26 -11.37 -16.86
CA PRO A 72 -19.47 -12.46 -17.41
C PRO A 72 -19.49 -12.51 -18.94
N TYR A 73 -18.44 -13.07 -19.53
CA TYR A 73 -18.37 -13.29 -20.96
C TYR A 73 -19.25 -14.48 -21.32
N LEU A 74 -19.23 -15.50 -20.47
CA LEU A 74 -20.00 -16.71 -20.69
C LEU A 74 -20.63 -17.15 -19.37
N ASP A 75 -21.95 -17.09 -19.26
CA ASP A 75 -22.63 -17.57 -18.05
C ASP A 75 -23.56 -18.75 -18.34
N ILE A 76 -23.00 -19.93 -18.11
CA ILE A 76 -23.57 -21.17 -18.58
C ILE A 76 -23.84 -22.12 -17.40
N HIS A 77 -23.81 -21.57 -16.19
CA HIS A 77 -23.79 -22.35 -14.94
C HIS A 77 -25.02 -23.23 -14.72
N LYS A 78 -26.12 -22.89 -15.38
CA LYS A 78 -27.34 -23.67 -15.25
C LYS A 78 -27.25 -24.96 -16.06
N LEU A 79 -26.54 -24.89 -17.19
CA LEU A 79 -26.37 -26.05 -18.06
C LEU A 79 -25.37 -27.07 -17.52
N VAL A 80 -24.38 -26.59 -16.77
CA VAL A 80 -23.32 -27.45 -16.28
C VAL A 80 -23.60 -27.99 -14.88
N GLN A 81 -23.43 -29.29 -14.72
CA GLN A 81 -23.53 -29.94 -13.42
C GLN A 81 -22.15 -29.92 -12.80
N SER A 82 -21.88 -28.92 -11.96
CA SER A 82 -20.57 -28.73 -11.37
C SER A 82 -20.52 -29.26 -9.94
N GLY A 83 -19.84 -30.39 -9.78
CA GLY A 83 -19.80 -31.12 -8.52
C GLY A 83 -19.03 -30.48 -7.39
N ILE A 84 -19.80 -30.08 -6.37
CA ILE A 84 -19.39 -30.02 -4.96
C ILE A 84 -18.05 -30.69 -4.54
N LYS A 85 -18.19 -31.88 -3.94
CA LYS A 85 -17.12 -32.70 -3.34
C LYS A 85 -15.70 -32.12 -3.21
N GLY A 86 -14.99 -32.04 -4.33
CA GLY A 86 -13.54 -31.86 -4.30
C GLY A 86 -12.96 -33.23 -4.57
N GLY A 87 -12.14 -33.33 -5.61
CA GLY A 87 -11.82 -34.63 -6.21
C GLY A 87 -12.90 -34.96 -7.23
N ASP A 88 -14.10 -34.41 -6.98
CA ASP A 88 -15.18 -34.38 -7.94
C ASP A 88 -14.77 -33.42 -9.05
N GLU A 89 -14.90 -33.87 -10.29
CA GLU A 89 -14.25 -33.23 -11.42
C GLU A 89 -15.26 -32.62 -12.41
N ARG A 90 -16.50 -32.41 -11.95
CA ARG A 90 -17.68 -32.36 -12.82
C ARG A 90 -18.09 -31.00 -13.43
N GLY A 91 -17.25 -29.97 -13.31
CA GLY A 91 -17.66 -28.63 -13.75
C GLY A 91 -17.45 -28.26 -15.20
N LEU A 92 -17.09 -27.00 -15.42
CA LEU A 92 -16.62 -26.51 -16.71
C LEU A 92 -15.14 -26.89 -16.84
N LEU A 93 -14.76 -27.43 -18.00
CA LEU A 93 -13.46 -28.08 -18.14
C LEU A 93 -12.45 -27.30 -18.98
N SER A 94 -12.89 -26.79 -20.13
CA SER A 94 -11.97 -26.11 -21.04
C SER A 94 -12.65 -25.18 -22.03
N LEU A 95 -11.92 -24.14 -22.42
CA LEU A 95 -12.35 -23.20 -23.46
C LEU A 95 -11.25 -23.11 -24.51
N ALA A 96 -11.65 -22.97 -25.78
CA ALA A 96 -10.70 -22.71 -26.87
C ALA A 96 -11.26 -21.76 -27.92
N PHE A 97 -10.44 -20.79 -28.33
CA PHE A 97 -10.87 -19.79 -29.31
C PHE A 97 -10.42 -20.16 -30.72
N HIS A 98 -11.21 -19.79 -31.71
CA HIS A 98 -10.89 -20.08 -33.09
C HIS A 98 -9.71 -19.24 -33.56
N PRO A 99 -8.76 -19.86 -34.28
CA PRO A 99 -7.62 -19.15 -34.86
C PRO A 99 -8.02 -17.90 -35.66
N ASN A 100 -9.28 -17.88 -36.11
CA ASN A 100 -9.88 -16.70 -36.74
C ASN A 100 -11.12 -16.16 -36.01
N TYR A 101 -11.08 -16.20 -34.68
CA TYR A 101 -12.12 -15.62 -33.84
C TYR A 101 -12.28 -14.10 -34.13
N LYS A 102 -11.16 -13.43 -34.40
CA LYS A 102 -11.19 -12.01 -34.77
C LYS A 102 -12.12 -11.74 -35.96
N LYS A 103 -12.27 -12.74 -36.82
CA LYS A 103 -13.21 -12.68 -37.95
C LYS A 103 -14.56 -13.31 -37.61
N ASN A 104 -14.55 -14.59 -37.23
CA ASN A 104 -15.79 -15.36 -37.07
C ASN A 104 -16.37 -15.38 -35.66
N GLY A 105 -15.54 -15.06 -34.67
CA GLY A 105 -16.00 -15.00 -33.27
C GLY A 105 -16.48 -16.31 -32.70
N LYS A 106 -15.74 -17.39 -32.95
CA LYS A 106 -16.19 -18.71 -32.53
C LYS A 106 -15.40 -19.30 -31.36
N LEU A 107 -16.16 -19.71 -30.34
CA LEU A 107 -15.64 -20.35 -29.14
C LEU A 107 -15.87 -21.83 -29.21
N TYR A 108 -15.11 -22.56 -28.41
CA TYR A 108 -15.38 -23.97 -28.16
C TYR A 108 -15.23 -24.26 -26.68
N VAL A 109 -16.29 -24.80 -26.10
CA VAL A 109 -16.36 -25.09 -24.69
C VAL A 109 -16.56 -26.59 -24.47
N SER A 110 -15.82 -27.15 -23.53
CA SER A 110 -16.10 -28.50 -23.07
C SER A 110 -16.55 -28.43 -21.62
N TYR A 111 -17.72 -29.00 -21.34
CA TYR A 111 -18.27 -29.03 -20.00
C TYR A 111 -19.07 -30.28 -19.70
N THR A 112 -19.46 -30.41 -18.43
CA THR A 112 -20.17 -31.57 -17.94
C THR A 112 -21.61 -31.19 -17.65
N THR A 113 -22.56 -32.01 -18.10
CA THR A 113 -23.98 -31.68 -18.02
C THR A 113 -24.88 -32.87 -17.72
N ASN A 114 -26.12 -32.56 -17.33
CA ASN A 114 -27.19 -33.56 -17.15
C ASN A 114 -28.36 -33.30 -18.08
N ARG A 117 -31.03 -33.94 -20.56
CA ARG A 117 -31.60 -35.23 -20.19
C ARG A 117 -31.24 -36.30 -21.21
N TRP A 118 -30.28 -37.15 -20.85
CA TRP A 118 -29.83 -38.27 -21.69
C TRP A 118 -30.64 -39.52 -21.37
N ALA A 119 -31.07 -40.22 -22.42
CA ALA A 119 -31.84 -41.46 -22.29
C ALA A 119 -31.50 -42.47 -23.39
N ILE A 120 -30.24 -42.45 -23.82
CA ILE A 120 -29.76 -43.33 -24.89
C ILE A 120 -28.78 -44.40 -24.35
N GLY A 121 -28.62 -44.43 -23.03
CA GLY A 121 -27.76 -45.41 -22.37
C GLY A 121 -27.46 -45.09 -20.91
N PRO A 122 -26.45 -45.78 -20.33
CA PRO A 122 -26.06 -45.56 -18.94
C PRO A 122 -25.18 -44.33 -18.78
N HIS A 123 -25.35 -43.63 -17.65
CA HIS A 123 -24.53 -42.44 -17.35
C HIS A 123 -24.70 -41.94 -15.92
N ASP A 124 -23.69 -41.22 -15.45
CA ASP A 124 -23.84 -40.31 -14.32
C ASP A 124 -24.08 -38.93 -14.92
N HIS A 125 -23.36 -38.64 -16.00
CA HIS A 125 -23.46 -37.39 -16.73
C HIS A 125 -22.88 -37.56 -18.14
N ILE A 126 -22.91 -36.51 -18.95
CA ILE A 126 -22.28 -36.53 -20.27
C ILE A 126 -21.34 -35.35 -20.48
N LEU A 127 -20.09 -35.65 -20.85
CA LEU A 127 -19.12 -34.62 -21.18
C LEU A 127 -19.45 -34.07 -22.57
N ARG A 128 -19.71 -32.78 -22.62
CA ARG A 128 -20.16 -32.13 -23.84
C ARG A 128 -19.04 -31.27 -24.44
N VAL A 129 -19.09 -31.10 -25.77
CA VAL A 129 -18.25 -30.12 -26.48
C VAL A 129 -19.16 -29.31 -27.39
N VAL A 130 -19.23 -28.01 -27.13
CA VAL A 130 -20.19 -27.12 -27.79
C VAL A 130 -19.47 -25.94 -28.45
N GLU A 131 -20.04 -25.47 -29.56
CA GLU A 131 -19.55 -24.23 -30.17
C GLU A 131 -20.46 -23.04 -29.83
N TYR A 132 -19.84 -21.98 -29.33
CA TYR A 132 -20.53 -20.71 -29.11
C TYR A 132 -20.03 -19.61 -30.03
N THR A 133 -20.80 -18.53 -30.12
CA THR A 133 -20.42 -17.38 -30.93
C THR A 133 -20.68 -16.11 -30.13
N VAL A 134 -19.76 -15.15 -30.21
CA VAL A 134 -19.94 -13.84 -29.55
C VAL A 134 -21.18 -13.11 -30.03
N SER A 135 -21.82 -12.40 -29.11
CA SER A 135 -22.87 -11.47 -29.47
C SER A 135 -22.37 -10.54 -30.57
N ARG A 136 -23.10 -10.48 -31.67
CA ARG A 136 -22.78 -9.51 -32.74
C ARG A 136 -22.84 -8.08 -32.22
N LYS A 137 -23.53 -7.90 -31.10
CA LYS A 137 -23.77 -6.58 -30.52
C LYS A 137 -22.86 -6.23 -29.35
N ASN A 138 -22.32 -7.25 -28.68
CA ASN A 138 -21.42 -7.03 -27.55
C ASN A 138 -20.15 -7.91 -27.63
N PRO A 139 -19.01 -7.31 -28.01
CA PRO A 139 -17.78 -8.07 -28.20
C PRO A 139 -17.24 -8.67 -26.90
N HIS A 140 -17.86 -8.33 -25.77
CA HIS A 140 -17.45 -8.85 -24.48
C HIS A 140 -18.43 -9.85 -23.88
N GLN A 141 -19.32 -10.36 -24.71
CA GLN A 141 -20.30 -11.34 -24.27
C GLN A 141 -20.76 -12.23 -25.43
N VAL A 142 -20.83 -13.53 -25.19
CA VAL A 142 -21.36 -14.47 -26.19
C VAL A 142 -22.87 -14.60 -26.00
N ASP A 143 -23.63 -14.80 -27.07
CA ASP A 143 -25.03 -15.10 -26.86
C ASP A 143 -25.29 -16.61 -26.84
N LEU A 144 -25.93 -17.04 -25.75
CA LEU A 144 -26.12 -18.45 -25.43
C LEU A 144 -26.98 -19.21 -26.45
N ARG A 145 -27.68 -18.48 -27.31
CA ARG A 145 -28.58 -19.08 -28.31
C ARG A 145 -27.82 -19.76 -29.45
N THR A 146 -26.51 -19.52 -29.53
CA THR A 146 -25.67 -20.02 -30.62
C THR A 146 -25.06 -21.38 -30.36
N ALA A 147 -25.46 -22.00 -29.24
CA ALA A 147 -24.93 -23.30 -28.84
C ALA A 147 -25.08 -24.36 -29.94
N ARG A 148 -23.97 -24.93 -30.37
CA ARG A 148 -23.97 -26.03 -31.32
C ARG A 148 -23.24 -27.20 -30.71
N VAL A 149 -23.99 -28.19 -30.26
CA VAL A 149 -23.40 -29.40 -29.71
C VAL A 149 -22.58 -30.07 -30.80
N PHE A 150 -21.30 -30.33 -30.50
CA PHE A 150 -20.39 -31.02 -31.41
C PHE A 150 -20.29 -32.48 -31.01
N LEU A 151 -20.04 -32.71 -29.72
CA LEU A 151 -19.78 -34.04 -29.19
C LEU A 151 -20.44 -34.20 -27.83
N GLU A 152 -21.06 -35.36 -27.63
CA GLU A 152 -21.59 -35.73 -26.33
C GLU A 152 -20.97 -37.05 -25.93
N VAL A 153 -20.21 -37.03 -24.84
CA VAL A 153 -19.49 -38.21 -24.37
C VAL A 153 -20.07 -38.67 -23.04
N ALA A 154 -20.84 -39.76 -23.09
CA ALA A 154 -21.42 -40.37 -21.89
C ALA A 154 -20.33 -40.71 -20.87
N GLU A 155 -20.53 -40.29 -19.63
CA GLU A 155 -19.58 -40.60 -18.57
C GLU A 155 -20.24 -41.34 -17.42
N LEU A 156 -19.50 -42.31 -16.86
CA LEU A 156 -20.00 -43.13 -15.79
C LEU A 156 -19.51 -42.71 -14.41
N HIS A 157 -18.29 -42.17 -14.36
CA HIS A 157 -17.69 -41.78 -13.08
C HIS A 157 -17.42 -40.29 -12.99
N ARG A 158 -17.07 -39.81 -11.79
CA ARG A 158 -16.83 -38.39 -11.56
C ARG A 158 -15.34 -38.09 -11.37
N LYS A 159 -14.52 -38.77 -12.17
CA LYS A 159 -13.05 -38.64 -12.14
C LYS A 159 -12.46 -39.07 -13.48
N HIS A 160 -11.21 -38.67 -13.73
CA HIS A 160 -10.49 -39.05 -14.96
C HIS A 160 -11.15 -38.48 -16.21
N LEU A 161 -11.78 -37.32 -16.08
CA LEU A 161 -12.61 -36.77 -17.15
C LEU A 161 -11.82 -36.14 -18.29
N GLY A 162 -10.89 -35.25 -17.96
CA GLY A 162 -10.14 -34.50 -18.97
C GLY A 162 -11.00 -33.43 -19.60
N GLY A 163 -10.87 -33.25 -20.92
CA GLY A 163 -11.71 -32.30 -21.66
C GLY A 163 -10.97 -31.11 -22.23
N GLN A 164 -9.65 -31.09 -22.04
CA GLN A 164 -8.81 -30.01 -22.55
C GLN A 164 -9.02 -29.82 -24.06
N LEU A 165 -9.33 -28.58 -24.45
CA LEU A 165 -9.48 -28.24 -25.87
C LEU A 165 -8.30 -27.39 -26.36
N LEU A 166 -7.91 -27.57 -27.62
CA LEU A 166 -6.83 -26.77 -28.20
C LEU A 166 -6.82 -26.81 -29.74
N PHE A 167 -6.34 -25.74 -30.35
CA PHE A 167 -6.11 -25.70 -31.81
C PHE A 167 -4.61 -25.75 -32.15
N GLY A 168 -4.18 -26.79 -32.84
CA GLY A 168 -2.81 -26.83 -33.35
C GLY A 168 -2.67 -25.93 -34.56
N PRO A 169 -1.45 -25.80 -35.11
CA PRO A 169 -1.34 -25.15 -36.42
C PRO A 169 -2.00 -26.01 -37.52
N ASP A 170 -2.19 -25.42 -38.70
CA ASP A 170 -3.05 -25.99 -39.73
C ASP A 170 -4.54 -25.92 -39.33
N GLY A 171 -4.79 -25.53 -38.08
CA GLY A 171 -6.11 -25.11 -37.60
C GLY A 171 -7.10 -26.16 -37.14
N PHE A 172 -6.65 -27.40 -36.94
CA PHE A 172 -7.54 -28.47 -36.46
C PHE A 172 -7.72 -28.42 -34.94
N LEU A 173 -8.92 -28.75 -34.48
CA LEU A 173 -9.22 -28.74 -33.04
C LEU A 173 -8.92 -30.09 -32.42
N TYR A 174 -8.22 -30.06 -31.29
CA TYR A 174 -7.86 -31.26 -30.53
C TYR A 174 -8.62 -31.32 -29.21
N ILE A 175 -9.15 -32.49 -28.90
CA ILE A 175 -9.86 -32.70 -27.65
C ILE A 175 -9.14 -33.82 -26.91
N ILE A 176 -8.79 -33.58 -25.65
CA ILE A 176 -8.05 -34.56 -24.85
C ILE A 176 -8.93 -35.14 -23.75
N LEU A 177 -9.52 -36.29 -24.04
CA LEU A 177 -10.43 -36.92 -23.10
C LEU A 177 -9.72 -37.96 -22.25
N GLY A 178 -10.08 -38.01 -20.98
CA GLY A 178 -9.47 -38.96 -20.05
C GLY A 178 -10.16 -40.31 -20.00
N ASP A 179 -9.61 -41.18 -19.16
CA ASP A 179 -10.09 -42.54 -18.90
C ASP A 179 -11.59 -42.56 -18.65
N GLY A 180 -12.05 -41.60 -17.86
CA GLY A 180 -13.41 -41.60 -17.33
C GLY A 180 -13.60 -42.69 -16.31
N MET A 181 -12.50 -43.36 -15.99
CA MET A 181 -12.49 -44.60 -15.21
C MET A 181 -13.37 -45.66 -15.87
N ILE A 182 -13.44 -45.61 -17.20
CA ILE A 182 -14.21 -46.54 -18.01
C ILE A 182 -13.51 -47.90 -18.08
N THR A 183 -14.21 -48.94 -17.62
CA THR A 183 -13.65 -50.29 -17.53
C THR A 183 -14.35 -51.29 -18.47
N LEU A 184 -13.64 -52.38 -18.79
CA LEU A 184 -14.11 -53.40 -19.74
C LEU A 184 -15.46 -54.02 -19.39
N ASP A 185 -15.80 -54.04 -18.12
CA ASP A 185 -17.09 -54.52 -17.63
C ASP A 185 -18.25 -53.72 -18.23
N ASP A 186 -18.21 -52.41 -18.04
CA ASP A 186 -19.30 -51.50 -18.42
C ASP A 186 -19.35 -51.22 -19.92
N MET A 187 -18.22 -51.44 -20.60
CA MET A 187 -18.13 -51.28 -22.06
C MET A 187 -18.94 -52.36 -22.79
N GLU A 188 -18.75 -53.61 -22.38
CA GLU A 188 -19.42 -54.76 -22.99
C GLU A 188 -20.73 -55.11 -22.28
N GLU A 189 -21.03 -54.37 -21.21
CA GLU A 189 -22.29 -54.50 -20.49
C GLU A 189 -23.39 -53.75 -21.23
N MET A 190 -23.20 -52.43 -21.39
CA MET A 190 -24.15 -51.57 -22.11
C MET A 190 -23.49 -50.88 -23.29
N ASP A 191 -24.31 -50.48 -24.26
CA ASP A 191 -23.83 -49.88 -25.50
C ASP A 191 -23.98 -48.36 -25.55
N GLY A 192 -24.70 -47.80 -24.58
CA GLY A 192 -24.86 -46.34 -24.48
C GLY A 192 -23.57 -45.65 -24.08
N LEU A 193 -22.46 -46.35 -24.30
CA LEU A 193 -21.13 -45.89 -23.92
C LEU A 193 -20.31 -45.50 -25.15
N SER A 194 -19.41 -44.54 -24.96
CA SER A 194 -18.66 -43.92 -26.06
C SER A 194 -17.34 -44.63 -26.38
N ASP A 195 -16.91 -44.50 -27.63
CA ASP A 195 -15.58 -44.94 -28.06
C ASP A 195 -14.51 -43.90 -27.76
N PHE A 196 -14.96 -42.70 -27.38
CA PHE A 196 -14.09 -41.52 -27.33
C PHE A 196 -13.20 -41.36 -26.09
N THR A 197 -13.59 -41.96 -24.97
CA THR A 197 -12.85 -41.79 -23.71
C THR A 197 -11.43 -42.35 -23.77
N GLY A 198 -10.50 -41.65 -23.10
CA GLY A 198 -9.10 -42.02 -23.08
C GLY A 198 -8.39 -41.80 -24.41
N SER A 199 -8.85 -40.81 -25.16
CA SER A 199 -8.31 -40.55 -26.50
C SER A 199 -8.09 -39.07 -26.79
N VAL A 200 -7.14 -38.81 -27.69
CA VAL A 200 -7.00 -37.50 -28.31
C VAL A 200 -7.80 -37.52 -29.61
N LEU A 201 -8.77 -36.61 -29.74
CA LEU A 201 -9.53 -36.49 -30.97
C LEU A 201 -9.15 -35.22 -31.72
N ARG A 202 -9.02 -35.34 -33.03
CA ARG A 202 -8.65 -34.21 -33.88
C ARG A 202 -9.72 -33.98 -34.94
N LEU A 203 -10.28 -32.77 -34.94
CA LEU A 203 -11.44 -32.45 -35.81
C LEU A 203 -11.20 -31.24 -36.69
N ASP A 204 -11.87 -31.22 -37.85
CA ASP A 204 -11.89 -30.03 -38.71
C ASP A 204 -13.21 -29.28 -38.57
N VAL A 205 -13.18 -28.21 -37.77
CA VAL A 205 -14.37 -27.39 -37.55
C VAL A 205 -14.74 -26.58 -38.78
N ASP A 206 -13.76 -26.32 -39.64
CA ASP A 206 -13.96 -25.49 -40.83
C ASP A 206 -14.71 -26.27 -41.93
N THR A 207 -15.97 -26.57 -41.64
CA THR A 207 -16.85 -27.31 -42.54
C THR A 207 -17.67 -26.35 -43.37
N ASP A 208 -18.06 -26.80 -44.55
CA ASP A 208 -19.05 -26.11 -45.37
C ASP A 208 -20.30 -26.96 -45.44
N MET A 209 -20.23 -28.16 -44.87
CA MET A 209 -21.36 -29.08 -44.76
C MET A 209 -22.32 -28.60 -43.68
N CYS A 210 -23.59 -28.98 -43.81
CA CYS A 210 -24.61 -28.61 -42.84
C CYS A 210 -25.29 -29.84 -42.21
N ASN A 211 -24.92 -31.02 -42.72
CA ASN A 211 -25.43 -32.29 -42.21
C ASN A 211 -24.64 -32.75 -40.99
N VAL A 212 -23.35 -32.43 -40.98
CA VAL A 212 -22.44 -32.78 -39.90
C VAL A 212 -21.94 -31.47 -39.26
N PRO A 213 -21.82 -31.43 -37.92
CA PRO A 213 -21.30 -30.23 -37.25
C PRO A 213 -19.79 -30.01 -37.43
N TYR A 214 -19.06 -31.07 -37.76
CA TYR A 214 -17.61 -31.00 -37.96
C TYR A 214 -17.14 -31.98 -39.03
N SER A 215 -16.10 -31.58 -39.75
CA SER A 215 -15.48 -32.43 -40.75
C SER A 215 -14.26 -33.14 -40.16
N ILE A 216 -13.86 -34.24 -40.79
CA ILE A 216 -12.66 -34.98 -40.39
C ILE A 216 -11.59 -34.79 -41.46
N PRO A 217 -10.42 -34.26 -41.06
CA PRO A 217 -9.32 -34.04 -42.01
C PRO A 217 -8.87 -35.34 -42.66
N ARG A 218 -8.47 -35.27 -43.93
CA ARG A 218 -8.01 -36.43 -44.69
C ARG A 218 -6.75 -37.07 -44.09
N SER A 219 -5.98 -36.26 -43.37
CA SER A 219 -4.74 -36.70 -42.73
C SER A 219 -4.93 -37.36 -41.37
N ASN A 220 -6.18 -37.72 -41.05
CA ASN A 220 -6.47 -38.49 -39.84
C ASN A 220 -6.25 -39.98 -40.06
N PRO A 221 -5.77 -40.68 -39.02
CA PRO A 221 -5.86 -42.14 -39.04
C PRO A 221 -7.30 -42.54 -38.77
N HIS A 222 -7.82 -43.49 -39.53
CA HIS A 222 -9.23 -43.88 -39.51
C HIS A 222 -10.13 -42.85 -40.18
N PHE A 223 -9.58 -42.13 -41.16
CA PHE A 223 -10.35 -41.16 -41.96
C PHE A 223 -11.48 -41.83 -42.77
N ASN A 224 -11.29 -43.09 -43.13
CA ASN A 224 -12.29 -43.81 -43.92
C ASN A 224 -12.84 -45.06 -43.21
N SER A 225 -12.07 -45.59 -42.27
CA SER A 225 -12.33 -46.90 -41.64
C SER A 225 -13.78 -47.13 -41.21
N THR A 226 -14.27 -48.35 -41.45
CA THR A 226 -15.64 -48.75 -41.14
C THR A 226 -15.85 -48.94 -39.64
N PRO A 230 -13.28 -42.95 -35.70
CA PRO A 230 -12.70 -42.22 -36.83
C PRO A 230 -12.08 -40.90 -36.41
N GLU A 231 -12.73 -40.21 -35.48
CA GLU A 231 -12.25 -38.95 -34.93
C GLU A 231 -11.04 -39.16 -34.00
N VAL A 232 -10.85 -40.42 -33.59
CA VAL A 232 -9.75 -40.80 -32.69
C VAL A 232 -8.42 -40.67 -33.40
N PHE A 233 -7.55 -39.86 -32.82
CA PHE A 233 -6.22 -39.59 -33.37
C PHE A 233 -5.17 -40.43 -32.63
N ALA A 234 -5.43 -40.68 -31.34
CA ALA A 234 -4.58 -41.53 -30.49
C ALA A 234 -5.35 -41.94 -29.25
N HIS A 235 -5.10 -43.15 -28.74
CA HIS A 235 -5.70 -43.60 -27.48
C HIS A 235 -4.65 -44.06 -26.47
N GLY A 236 -5.09 -44.35 -25.25
CA GLY A 236 -4.22 -44.84 -24.19
C GLY A 236 -4.21 -44.01 -22.92
N LEU A 237 -4.71 -42.78 -23.01
CA LEU A 237 -4.75 -41.83 -21.90
C LEU A 237 -5.58 -42.31 -20.72
N HIS A 238 -5.08 -42.09 -19.51
CA HIS A 238 -5.83 -42.38 -18.31
C HIS A 238 -6.30 -41.09 -17.65
N ASP A 239 -5.48 -40.57 -16.74
CA ASP A 239 -5.86 -39.41 -15.95
C ASP A 239 -4.92 -38.22 -16.23
N PRO A 240 -5.12 -37.53 -17.38
CA PRO A 240 -4.17 -36.49 -17.75
C PRO A 240 -4.45 -35.17 -17.09
N GLY A 241 -3.41 -34.45 -16.70
CA GLY A 241 -3.54 -33.09 -16.22
C GLY A 241 -3.68 -32.14 -17.40
N ARG A 242 -3.33 -30.88 -17.19
CA ARG A 242 -3.20 -29.94 -18.30
C ARG A 242 -1.96 -30.30 -19.10
N CYS A 243 -2.14 -30.63 -20.37
CA CYS A 243 -1.03 -31.08 -21.21
C CYS A 243 -0.29 -29.88 -21.80
N ALA A 244 1.03 -30.00 -21.89
CA ALA A 244 1.85 -28.95 -22.50
C ALA A 244 1.77 -29.05 -24.01
N VAL A 245 1.76 -27.89 -24.67
CA VAL A 245 1.53 -27.82 -26.12
C VAL A 245 2.63 -26.99 -26.81
N ASP A 246 3.41 -27.65 -27.66
CA ASP A 246 4.50 -27.01 -28.38
C ASP A 246 4.12 -26.79 -29.84
N ARG A 247 4.03 -25.52 -30.23
CA ARG A 247 3.64 -25.15 -31.59
C ARG A 247 4.84 -24.96 -32.51
N HIS A 248 6.03 -24.93 -31.93
CA HIS A 248 7.30 -24.80 -32.67
C HIS A 248 7.39 -23.50 -33.48
N ASN A 255 4.22 -28.57 -37.49
CA ASN A 255 4.23 -29.70 -36.56
C ASN A 255 3.92 -29.29 -35.12
N LEU A 256 3.30 -30.21 -34.38
CA LEU A 256 2.82 -29.98 -33.02
C LEU A 256 3.35 -31.05 -32.08
N THR A 257 3.61 -30.66 -30.84
CA THR A 257 3.91 -31.62 -29.78
C THR A 257 2.98 -31.36 -28.61
N ILE A 258 2.24 -32.39 -28.20
CA ILE A 258 1.49 -32.34 -26.94
C ILE A 258 2.02 -33.39 -25.98
N LEU A 259 2.33 -32.94 -24.76
CA LEU A 259 2.99 -33.75 -23.74
C LEU A 259 2.16 -33.72 -22.47
N CYS A 260 1.71 -34.90 -22.03
CA CYS A 260 0.83 -34.97 -20.86
C CYS A 260 1.46 -35.66 -19.67
N SER A 261 1.15 -35.13 -18.48
CA SER A 261 1.28 -35.89 -17.25
C SER A 261 0.08 -36.85 -17.19
N ASP A 262 0.17 -37.87 -16.35
CA ASP A 262 -0.91 -38.85 -16.21
C ASP A 262 -0.77 -39.53 -14.87
N SER A 263 -1.84 -39.55 -14.10
CA SER A 263 -1.81 -40.12 -12.75
C SER A 263 -1.94 -41.64 -12.72
N ASN A 264 -2.69 -42.18 -13.68
CA ASN A 264 -2.96 -43.63 -13.79
C ASN A 264 -3.63 -44.21 -12.55
N GLY A 265 -4.41 -43.40 -11.85
CA GLY A 265 -5.03 -43.79 -10.59
C GLY A 265 -4.00 -43.77 -9.48
N LYS A 266 -3.77 -44.94 -8.89
CA LYS A 266 -2.72 -45.11 -7.89
C LYS A 266 -1.64 -46.01 -8.45
N ASN A 267 -1.12 -45.65 -9.62
CA ASN A 267 -0.16 -46.47 -10.35
C ASN A 267 0.93 -45.62 -11.00
N ARG A 268 2.00 -45.36 -10.24
CA ARG A 268 3.09 -44.49 -10.70
C ARG A 268 2.57 -43.11 -11.11
N SER A 269 3.37 -42.38 -11.86
CA SER A 269 2.99 -41.07 -12.38
C SER A 269 3.82 -40.73 -13.61
N SER A 270 3.27 -41.03 -14.78
CA SER A 270 4.04 -41.03 -16.02
C SER A 270 3.77 -39.84 -16.95
N ALA A 271 4.67 -39.65 -17.90
CA ALA A 271 4.48 -38.68 -18.97
C ALA A 271 4.21 -39.39 -20.28
N ARG A 272 3.28 -38.85 -21.05
CA ARG A 272 2.96 -39.39 -22.37
C ARG A 272 3.09 -38.27 -23.40
N ILE A 273 3.70 -38.58 -24.54
CA ILE A 273 4.00 -37.57 -25.57
C ILE A 273 3.38 -37.89 -26.93
N LEU A 274 2.82 -36.87 -27.57
CA LEU A 274 2.31 -36.98 -28.93
C LEU A 274 2.95 -35.93 -29.84
N GLN A 275 3.62 -36.39 -30.89
CA GLN A 275 4.18 -35.53 -31.93
C GLN A 275 3.56 -35.92 -33.27
N ILE A 276 3.28 -34.93 -34.12
CA ILE A 276 2.57 -35.20 -35.37
C ILE A 276 3.47 -35.21 -36.62
N ILE A 277 4.73 -34.83 -36.46
CA ILE A 277 5.68 -34.68 -37.57
C ILE A 277 5.20 -33.57 -38.53
N LYS A 278 5.69 -33.55 -39.76
CA LYS A 278 5.47 -32.42 -40.66
C LYS A 278 4.72 -32.79 -41.95
N GLY A 279 3.40 -32.66 -41.91
CA GLY A 279 2.54 -32.89 -43.08
C GLY A 279 2.59 -34.32 -43.61
N LYS A 280 1.97 -35.23 -42.87
CA LYS A 280 1.98 -36.66 -43.20
C LYS A 280 0.59 -37.26 -43.03
N ASP A 281 0.16 -38.03 -44.03
CA ASP A 281 -1.12 -38.73 -43.97
C ASP A 281 -1.02 -39.97 -43.09
N TYR A 282 -1.94 -40.09 -42.15
CA TYR A 282 -1.98 -41.23 -41.23
C TYR A 282 -3.08 -42.21 -41.61
N GLU A 283 -2.76 -43.50 -41.52
CA GLU A 283 -3.73 -44.56 -41.78
C GLU A 283 -3.84 -45.50 -40.58
N SER A 284 -2.70 -45.70 -39.91
CA SER A 284 -2.66 -46.35 -38.60
C SER A 284 -2.29 -45.31 -37.54
N GLU A 285 -2.69 -45.56 -36.30
CA GLU A 285 -2.53 -44.59 -35.21
C GLU A 285 -1.08 -44.30 -34.83
N PRO A 286 -0.74 -43.01 -34.67
CA PRO A 286 0.55 -42.62 -34.10
C PRO A 286 0.65 -43.11 -32.66
N SER A 287 1.86 -43.51 -32.25
CA SER A 287 2.10 -44.01 -30.91
C SER A 287 2.08 -42.87 -29.89
N LEU A 288 1.39 -43.10 -28.78
CA LEU A 288 1.34 -42.15 -27.69
C LEU A 288 2.41 -42.55 -26.67
N LEU A 289 3.65 -42.23 -27.02
CA LEU A 289 4.85 -42.72 -26.34
C LEU A 289 4.89 -42.37 -24.85
N GLU A 290 5.10 -43.38 -24.01
CA GLU A 290 5.14 -43.21 -22.56
C GLU A 290 6.57 -43.31 -21.99
N PHE A 291 6.84 -42.48 -20.99
CA PHE A 291 8.11 -42.50 -20.26
C PHE A 291 7.86 -41.98 -18.83
N LYS A 292 8.74 -42.34 -17.90
CA LYS A 292 8.52 -42.03 -16.48
C LYS A 292 9.60 -41.16 -15.84
N PRO A 293 9.56 -39.84 -16.09
CA PRO A 293 10.58 -38.95 -15.55
C PRO A 293 10.23 -38.28 -14.22
N PHE A 294 9.08 -38.58 -13.65
CA PHE A 294 8.59 -37.89 -12.45
C PHE A 294 8.91 -38.61 -11.14
N SER A 295 8.98 -37.82 -10.05
CA SER A 295 9.36 -38.34 -8.73
C SER A 295 8.54 -37.78 -7.56
N ASN A 296 8.11 -36.52 -7.67
CA ASN A 296 7.38 -35.86 -6.57
C ASN A 296 5.86 -36.13 -6.57
N GLY A 297 5.48 -37.32 -7.01
CA GLY A 297 4.07 -37.74 -7.00
C GLY A 297 3.23 -37.04 -8.05
N PRO A 298 1.94 -36.81 -7.74
CA PRO A 298 0.97 -36.29 -8.72
C PRO A 298 1.21 -34.84 -9.13
N LEU A 299 0.88 -34.54 -10.39
CA LEU A 299 1.13 -33.23 -11.00
C LEU A 299 -0.16 -32.61 -11.53
N VAL A 300 -0.27 -31.29 -11.47
CA VAL A 300 -1.46 -30.62 -12.02
C VAL A 300 -1.41 -30.62 -13.54
N GLY A 301 -0.23 -30.41 -14.10
CA GLY A 301 -0.07 -30.32 -15.53
C GLY A 301 1.12 -29.46 -15.88
N GLY A 302 1.20 -29.04 -17.14
CA GLY A 302 2.32 -28.24 -17.60
C GLY A 302 1.98 -27.30 -18.73
N PHE A 303 2.97 -26.53 -19.14
CA PHE A 303 2.82 -25.63 -20.27
C PHE A 303 4.16 -25.44 -20.97
N VAL A 304 4.12 -25.04 -22.23
CA VAL A 304 5.34 -24.67 -22.94
C VAL A 304 5.40 -23.16 -22.91
N TYR A 305 6.43 -22.60 -22.27
CA TYR A 305 6.55 -21.15 -22.20
C TYR A 305 7.05 -20.61 -23.54
N ARG A 306 6.25 -19.74 -24.13
CA ARG A 306 6.60 -19.08 -25.38
C ARG A 306 6.38 -17.59 -25.20
N GLY A 307 6.50 -17.16 -23.94
CA GLY A 307 6.34 -15.76 -23.59
C GLY A 307 7.53 -14.91 -23.95
N CYS A 308 7.60 -13.74 -23.34
CA CYS A 308 8.55 -12.72 -23.75
C CYS A 308 9.31 -12.13 -22.58
N GLN A 309 8.65 -11.96 -21.43
CA GLN A 309 9.30 -11.35 -20.27
C GLN A 309 10.54 -12.16 -19.87
N SER A 310 10.40 -13.49 -19.83
CA SER A 310 11.55 -14.35 -19.55
C SER A 310 12.23 -14.83 -20.82
N GLU A 311 13.50 -14.48 -20.98
CA GLU A 311 14.30 -14.99 -22.08
C GLU A 311 14.64 -16.44 -21.80
N ARG A 312 15.25 -16.70 -20.64
CA ARG A 312 15.71 -18.04 -20.27
C ARG A 312 14.63 -19.11 -20.34
N LEU A 313 13.43 -18.78 -19.86
CA LEU A 313 12.33 -19.75 -19.82
C LEU A 313 11.79 -20.10 -21.21
N TYR A 314 12.22 -19.33 -22.23
CA TYR A 314 11.65 -19.48 -23.57
C TYR A 314 11.83 -20.90 -24.13
N GLY A 315 10.72 -21.48 -24.55
CA GLY A 315 10.69 -22.81 -25.14
C GLY A 315 10.82 -23.95 -24.13
N SER A 316 10.65 -23.65 -22.85
CA SER A 316 10.76 -24.66 -21.82
C SER A 316 9.42 -25.33 -21.50
N TYR A 317 9.49 -26.63 -21.20
CA TYR A 317 8.33 -27.37 -20.73
C TYR A 317 8.31 -27.26 -19.21
N VAL A 318 7.26 -26.65 -18.68
CA VAL A 318 7.16 -26.46 -17.24
C VAL A 318 5.98 -27.27 -16.70
N PHE A 319 6.20 -28.01 -15.62
CA PHE A 319 5.11 -28.69 -14.96
C PHE A 319 5.13 -28.35 -13.48
N GLY A 320 3.96 -28.09 -12.92
CA GLY A 320 3.81 -27.80 -11.50
C GLY A 320 2.87 -28.79 -10.82
N ASP A 321 3.03 -28.94 -9.50
CA ASP A 321 2.11 -29.76 -8.72
C ASP A 321 1.18 -28.89 -7.87
N ARG A 322 0.26 -29.54 -7.16
CA ARG A 322 -0.75 -28.87 -6.35
C ARG A 322 -0.15 -27.84 -5.39
N ASN A 323 1.00 -28.16 -4.81
CA ASN A 323 1.62 -27.30 -3.79
C ASN A 323 2.64 -26.29 -4.34
N GLY A 324 2.75 -26.22 -5.67
CA GLY A 324 3.56 -25.19 -6.32
C GLY A 324 5.04 -25.47 -6.50
N ASN A 325 5.41 -26.75 -6.53
CA ASN A 325 6.76 -27.16 -6.94
C ASN A 325 6.80 -27.25 -8.46
N PHE A 326 7.74 -26.55 -9.08
CA PHE A 326 7.83 -26.59 -10.55
C PHE A 326 9.02 -27.39 -11.07
N LEU A 327 8.84 -28.02 -12.22
CA LEU A 327 9.88 -28.78 -12.90
C LEU A 327 10.10 -28.23 -14.29
N THR A 328 11.10 -28.79 -14.97
CA THR A 328 11.25 -28.60 -16.40
C THR A 328 11.53 -29.95 -17.02
N LEU A 329 10.73 -30.33 -18.01
CA LEU A 329 11.12 -31.46 -18.87
C LEU A 329 11.97 -30.89 -20.00
N GLN A 330 13.21 -31.36 -20.09
CA GLN A 330 14.11 -30.93 -21.13
C GLN A 330 14.60 -32.13 -21.91
N GLN A 331 14.70 -31.99 -23.23
CA GLN A 331 15.12 -33.12 -24.08
C GLN A 331 16.54 -32.97 -24.60
N SER A 332 17.35 -34.01 -24.35
CA SER A 332 18.71 -34.09 -24.87
C SER A 332 18.71 -34.15 -26.40
N PRO A 333 19.36 -33.19 -27.06
CA PRO A 333 19.37 -33.24 -28.53
C PRO A 333 20.18 -34.46 -29.03
N VAL A 334 21.10 -34.93 -28.18
CA VAL A 334 21.91 -36.09 -28.50
C VAL A 334 21.21 -37.42 -28.22
N THR A 335 20.88 -37.65 -26.94
CA THR A 335 20.36 -38.96 -26.52
C THR A 335 18.88 -38.92 -26.22
N LYS A 336 18.11 -38.37 -27.17
CA LYS A 336 16.71 -37.89 -26.98
C LYS A 336 15.88 -38.23 -25.72
N GLN A 337 16.54 -38.56 -24.61
CA GLN A 337 15.88 -38.87 -23.34
C GLN A 337 15.46 -37.60 -22.62
N TRP A 338 14.39 -37.70 -21.83
CA TRP A 338 13.86 -36.57 -21.08
C TRP A 338 14.39 -36.50 -19.64
N GLN A 339 14.56 -35.27 -19.16
CA GLN A 339 15.12 -34.99 -17.85
C GLN A 339 14.33 -33.91 -17.12
N GLU A 340 14.07 -34.16 -15.83
CA GLU A 340 13.41 -33.17 -15.00
C GLU A 340 14.43 -32.38 -14.21
N LYS A 341 14.24 -31.07 -14.14
CA LYS A 341 15.14 -30.18 -13.41
C LYS A 341 14.29 -29.21 -12.61
N PRO A 342 14.42 -29.21 -11.27
CA PRO A 342 13.57 -28.38 -10.44
C PRO A 342 13.74 -26.89 -10.76
N LEU A 343 12.66 -26.13 -10.62
CA LEU A 343 12.71 -24.67 -10.66
C LEU A 343 12.39 -24.17 -9.27
N CYS A 344 13.18 -23.22 -8.78
CA CYS A 344 12.87 -22.63 -7.49
C CYS A 344 12.05 -21.36 -7.65
N LEU A 345 11.35 -21.01 -6.58
CA LEU A 345 10.68 -19.74 -6.45
C LEU A 345 11.38 -19.02 -5.32
N GLY A 346 11.36 -17.69 -5.35
CA GLY A 346 12.02 -16.89 -4.33
C GLY A 346 11.57 -15.45 -4.41
N THR A 347 11.56 -14.78 -3.26
CA THR A 347 11.02 -13.44 -3.21
C THR A 347 12.03 -12.41 -3.72
N SER A 348 11.54 -11.46 -4.52
CA SER A 348 12.31 -10.26 -4.86
C SER A 348 11.33 -9.10 -5.02
N GLY A 349 11.30 -8.25 -4.00
CA GLY A 349 10.29 -7.20 -3.91
C GLY A 349 8.92 -7.81 -3.68
N SER A 350 7.87 -7.04 -3.92
CA SER A 350 6.52 -7.52 -3.68
C SER A 350 6.15 -8.71 -4.56
N CYS A 351 7.12 -9.17 -5.36
CA CYS A 351 6.95 -10.36 -6.20
C CYS A 351 7.59 -11.50 -5.42
N ARG A 352 6.76 -12.48 -5.04
CA ARG A 352 7.07 -13.32 -3.88
C ARG A 352 7.40 -14.77 -4.22
N GLY A 353 8.07 -15.45 -3.30
CA GLY A 353 8.45 -16.85 -3.52
C GLY A 353 7.36 -17.87 -3.25
N TYR A 354 6.14 -17.40 -3.01
CA TYR A 354 5.03 -18.27 -2.61
C TYR A 354 3.72 -17.67 -3.09
N PHE A 355 2.67 -18.48 -3.04
CA PHE A 355 1.31 -18.03 -3.29
C PHE A 355 0.41 -18.75 -2.30
N SER A 356 -0.85 -18.35 -2.25
CA SER A 356 -1.75 -18.99 -1.29
C SER A 356 -2.58 -20.10 -1.91
N GLY A 357 -2.92 -21.10 -1.09
CA GLY A 357 -3.76 -22.21 -1.53
C GLY A 357 -3.08 -23.24 -2.43
N HIS A 358 -3.87 -23.91 -3.26
CA HIS A 358 -3.41 -24.99 -4.12
C HIS A 358 -3.66 -24.66 -5.58
N ILE A 359 -2.76 -25.11 -6.45
CA ILE A 359 -2.92 -24.89 -7.87
C ILE A 359 -4.05 -25.78 -8.42
N LEU A 360 -4.93 -25.17 -9.20
CA LEU A 360 -5.99 -25.92 -9.86
C LEU A 360 -5.82 -25.96 -11.39
N GLY A 361 -5.15 -24.95 -11.93
CA GLY A 361 -4.94 -24.85 -13.38
C GLY A 361 -3.92 -23.80 -13.74
N PHE A 362 -3.85 -23.46 -15.03
CA PHE A 362 -2.80 -22.60 -15.57
C PHE A 362 -3.38 -21.63 -16.60
N GLY A 363 -2.63 -20.58 -16.93
CA GLY A 363 -3.10 -19.56 -17.85
C GLY A 363 -2.04 -19.01 -18.80
N GLU A 364 -2.48 -18.39 -19.90
CA GLU A 364 -1.57 -17.74 -20.85
C GLU A 364 -2.12 -16.43 -21.47
N ASP A 365 -1.26 -15.41 -21.48
CA ASP A 365 -1.47 -14.12 -22.17
C ASP A 365 -1.49 -14.30 -23.67
N GLU A 366 -2.06 -13.33 -24.36
CA GLU A 366 -1.85 -13.20 -25.80
C GLU A 366 -0.37 -12.92 -26.08
N LEU A 367 0.28 -12.29 -25.11
CA LEU A 367 1.72 -12.05 -25.15
C LEU A 367 2.52 -13.28 -24.72
N GLY A 368 1.83 -14.30 -24.23
CA GLY A 368 2.49 -15.56 -23.89
C GLY A 368 2.99 -15.71 -22.45
N GLU A 369 2.75 -14.71 -21.60
CA GLU A 369 3.13 -14.86 -20.20
C GLU A 369 2.21 -15.86 -19.51
N VAL A 370 2.69 -16.48 -18.44
CA VAL A 370 1.99 -17.62 -17.84
C VAL A 370 1.51 -17.37 -16.41
N TYR A 371 0.34 -17.94 -16.09
CA TYR A 371 -0.30 -17.70 -14.80
C TYR A 371 -0.63 -19.00 -14.11
N ILE A 372 -0.76 -18.96 -12.79
CA ILE A 372 -1.36 -20.08 -12.06
C ILE A 372 -2.64 -19.63 -11.38
N LEU A 373 -3.60 -20.54 -11.33
CA LEU A 373 -4.88 -20.25 -10.70
C LEU A 373 -5.01 -21.14 -9.49
N SER A 374 -5.18 -20.52 -8.33
CA SER A 374 -5.18 -21.25 -7.08
C SER A 374 -6.46 -21.10 -6.29
N SER A 375 -6.68 -22.02 -5.34
CA SER A 375 -7.74 -21.95 -4.37
C SER A 375 -7.43 -22.86 -3.18
N SER A 376 -8.34 -22.91 -2.22
CA SER A 376 -8.28 -23.87 -1.11
C SER A 376 -9.68 -24.06 -0.54
N LYS A 377 -9.86 -25.10 0.28
CA LYS A 377 -11.13 -25.32 0.98
C LYS A 377 -11.52 -24.11 1.82
N SER A 378 -10.51 -23.40 2.31
CA SER A 378 -10.71 -22.18 3.08
C SER A 378 -11.15 -21.02 2.18
N MET A 379 -10.48 -20.88 1.04
CA MET A 379 -10.77 -19.81 0.08
C MET A 379 -11.73 -20.23 -1.06
N THR A 380 -12.40 -21.36 -0.87
CA THR A 380 -13.50 -21.77 -1.74
C THR A 380 -14.81 -21.35 -1.06
N GLN A 381 -14.90 -21.66 0.24
CA GLN A 381 -16.06 -21.32 1.07
C GLN A 381 -16.38 -19.84 1.09
N THR A 382 -15.38 -19.01 0.77
CA THR A 382 -15.54 -17.56 0.78
C THR A 382 -15.53 -16.93 -0.62
N HIS A 383 -15.40 -17.77 -1.66
CA HIS A 383 -15.21 -17.32 -3.05
C HIS A 383 -13.92 -16.50 -3.23
N ASN A 384 -12.78 -17.07 -2.84
CA ASN A 384 -11.51 -16.37 -2.97
C ASN A 384 -10.42 -17.12 -3.76
N GLY A 385 -10.75 -17.50 -4.99
CA GLY A 385 -9.76 -18.01 -5.94
C GLY A 385 -8.91 -16.88 -6.47
N LYS A 386 -7.65 -17.16 -6.76
CA LYS A 386 -6.67 -16.14 -7.12
C LYS A 386 -6.07 -16.41 -8.48
N LEU A 387 -5.78 -15.34 -9.22
CA LEU A 387 -4.94 -15.42 -10.43
C LEU A 387 -3.57 -14.86 -10.07
N TYR A 388 -2.55 -15.69 -10.27
CA TYR A 388 -1.16 -15.30 -10.02
C TYR A 388 -0.35 -15.40 -11.31
N LYS A 389 0.46 -14.39 -11.58
CA LYS A 389 1.34 -14.42 -12.76
C LYS A 389 2.76 -14.82 -12.38
N ILE A 390 3.40 -15.64 -13.23
CA ILE A 390 4.80 -16.06 -13.05
C ILE A 390 5.75 -15.04 -13.67
N VAL A 391 6.79 -14.65 -12.92
CA VAL A 391 7.68 -13.56 -13.30
C VAL A 391 9.16 -13.94 -13.24
N ASP A 392 9.94 -13.43 -14.20
CA ASP A 392 11.40 -13.59 -14.16
C ASP A 392 12.05 -12.30 -13.65
N PRO A 393 12.54 -12.32 -12.39
CA PRO A 393 13.03 -11.08 -11.78
C PRO A 393 14.34 -10.63 -12.42
N LYS A 394 15.01 -11.56 -13.10
CA LYS A 394 16.26 -11.26 -13.78
C LYS A 394 16.07 -10.36 -15.00
N ARG A 395 14.86 -10.31 -15.53
CA ARG A 395 14.53 -9.40 -16.64
C ARG A 395 13.59 -8.28 -16.19
N PRO A 396 13.53 -7.17 -16.97
CA PRO A 396 12.58 -6.12 -16.69
C PRO A 396 11.15 -6.59 -16.96
N LEU A 397 10.16 -5.91 -16.40
CA LEU A 397 8.78 -6.26 -16.68
C LEU A 397 8.40 -5.95 -18.12
N MET A 398 9.01 -4.91 -18.70
CA MET A 398 8.76 -4.59 -20.09
C MET A 398 10.06 -4.44 -20.85
N PRO A 399 10.65 -5.57 -21.25
CA PRO A 399 11.80 -5.51 -22.15
C PRO A 399 11.38 -4.83 -23.44
N GLU A 400 12.30 -4.08 -24.04
CA GLU A 400 12.05 -3.38 -25.30
C GLU A 400 11.28 -4.25 -26.30
N GLU A 401 11.76 -5.47 -26.48
CA GLU A 401 11.19 -6.42 -27.46
C GLU A 401 9.74 -6.82 -27.18
N CYS A 402 9.34 -6.78 -25.91
CA CYS A 402 8.05 -7.33 -25.49
C CYS A 402 6.91 -6.33 -25.61
N ARG A 403 7.27 -5.09 -25.97
CA ARG A 403 6.30 -4.04 -26.15
C ARG A 403 5.35 -4.45 -27.25
N ALA A 404 4.06 -4.30 -26.98
CA ALA A 404 3.02 -4.56 -27.96
C ALA A 404 1.89 -3.58 -27.71
N THR A 405 1.11 -3.33 -28.76
CA THR A 405 0.05 -2.34 -28.68
C THR A 405 -1.33 -3.02 -28.74
N VAL A 406 -2.19 -2.65 -27.80
CA VAL A 406 -3.49 -3.32 -27.62
C VAL A 406 -4.47 -2.91 -28.71
N GLN A 407 -5.12 -3.90 -29.31
CA GLN A 407 -6.12 -3.66 -30.37
C GLN A 407 -7.52 -4.03 -29.85
N PRO A 408 -8.27 -3.04 -29.32
CA PRO A 408 -9.52 -3.29 -28.60
C PRO A 408 -10.50 -4.12 -29.41
N ALA A 409 -11.10 -5.11 -28.75
CA ALA A 409 -12.03 -6.04 -29.41
C ALA A 409 -13.21 -5.32 -30.06
N GLN A 410 -13.52 -5.73 -31.28
CA GLN A 410 -14.55 -5.08 -32.08
C GLN A 410 -15.73 -6.03 -32.27
N THR A 411 -16.90 -5.47 -32.58
CA THR A 411 -18.09 -6.26 -32.91
C THR A 411 -17.87 -6.96 -34.24
N LEU A 412 -18.30 -8.22 -34.30
CA LEU A 412 -18.31 -9.01 -35.54
C LEU A 412 -18.83 -8.20 -36.72
N THR A 413 -18.18 -8.33 -37.86
CA THR A 413 -18.56 -7.59 -39.07
C THR A 413 -18.58 -8.48 -40.31
N SER A 414 -18.08 -9.71 -40.18
CA SER A 414 -17.99 -10.66 -41.29
C SER A 414 -19.33 -10.89 -41.96
N GLU A 415 -19.29 -11.15 -43.27
CA GLU A 415 -20.47 -11.29 -44.10
C GLU A 415 -21.56 -12.18 -43.48
N CYS A 416 -21.16 -13.38 -43.04
CA CYS A 416 -22.11 -14.36 -42.50
C CYS A 416 -22.75 -13.92 -41.20
N SER A 417 -22.02 -13.15 -40.38
CA SER A 417 -22.51 -12.70 -39.08
C SER A 417 -23.75 -11.81 -39.18
N ARG A 418 -23.76 -10.91 -40.16
CA ARG A 418 -24.82 -9.90 -40.32
C ARG A 418 -26.01 -10.38 -41.14
N LEU A 419 -25.76 -11.29 -42.07
CA LEU A 419 -26.78 -11.70 -43.05
C LEU A 419 -27.50 -13.00 -42.70
N CYS A 420 -26.75 -13.99 -42.18
CA CYS A 420 -27.31 -15.32 -41.90
C CYS A 420 -28.48 -15.25 -40.92
N ARG A 421 -29.69 -15.41 -41.48
CA ARG A 421 -30.98 -15.21 -40.81
C ARG A 421 -31.07 -15.81 -39.40
N ASN A 422 -31.60 -17.03 -39.34
CA ASN A 422 -31.59 -17.85 -38.15
C ASN A 422 -31.31 -19.27 -38.59
N GLY A 423 -30.60 -20.00 -37.74
CA GLY A 423 -29.92 -21.23 -38.16
C GLY A 423 -28.45 -20.89 -38.18
N TYR A 424 -27.62 -21.85 -37.77
CA TYR A 424 -26.21 -21.60 -37.50
C TYR A 424 -25.38 -21.21 -38.73
N CYS A 425 -24.28 -20.53 -38.44
CA CYS A 425 -23.42 -19.92 -39.45
C CYS A 425 -21.98 -20.41 -39.20
N THR A 426 -21.49 -21.32 -40.04
CA THR A 426 -20.20 -22.03 -39.79
C THR A 426 -18.98 -21.09 -39.75
N PRO A 427 -17.89 -21.55 -39.09
CA PRO A 427 -16.64 -20.81 -39.02
C PRO A 427 -16.02 -20.41 -40.36
N THR A 428 -16.33 -21.13 -41.44
CA THR A 428 -15.81 -20.76 -42.76
C THR A 428 -16.56 -19.57 -43.34
N GLY A 429 -17.78 -19.36 -42.87
CA GLY A 429 -18.62 -18.26 -43.35
C GLY A 429 -19.85 -18.74 -44.09
N LYS A 430 -19.88 -20.01 -44.46
CA LYS A 430 -21.06 -20.62 -45.08
C LYS A 430 -22.21 -20.63 -44.07
N CYS A 431 -23.40 -20.34 -44.57
CA CYS A 431 -24.58 -20.15 -43.72
C CYS A 431 -25.58 -21.30 -43.88
N CYS A 432 -25.69 -22.12 -42.85
CA CYS A 432 -26.55 -23.30 -42.85
C CYS A 432 -27.96 -22.95 -42.41
N CYS A 433 -28.94 -23.37 -43.22
CA CYS A 433 -30.34 -23.01 -43.00
C CYS A 433 -31.08 -24.00 -42.12
N SER A 434 -31.95 -23.48 -41.26
CA SER A 434 -32.87 -24.27 -40.48
C SER A 434 -33.99 -24.79 -41.38
N PRO A 435 -34.69 -25.87 -40.97
CA PRO A 435 -35.73 -26.47 -41.83
C PRO A 435 -36.71 -25.44 -42.43
N GLY A 436 -36.83 -25.46 -43.75
CA GLY A 436 -37.73 -24.57 -44.47
C GLY A 436 -37.19 -23.19 -44.77
N TRP A 437 -35.87 -23.07 -44.92
CA TRP A 437 -35.24 -21.84 -45.39
C TRP A 437 -34.20 -22.14 -46.48
N GLU A 438 -34.01 -21.20 -47.40
CA GLU A 438 -33.07 -21.39 -48.51
C GLU A 438 -32.42 -20.08 -48.94
N GLY A 439 -31.39 -20.20 -49.78
CA GLY A 439 -30.60 -19.05 -50.19
C GLY A 439 -29.23 -19.01 -49.50
N ASP A 440 -28.34 -18.19 -50.03
CA ASP A 440 -26.96 -18.09 -49.51
C ASP A 440 -26.91 -17.77 -48.01
N PHE A 441 -27.87 -16.97 -47.55
CA PHE A 441 -27.91 -16.55 -46.15
C PHE A 441 -29.27 -16.86 -45.50
N CYS A 442 -30.01 -17.79 -46.11
CA CYS A 442 -31.28 -18.28 -45.59
C CYS A 442 -32.36 -17.20 -45.45
N ARG A 443 -32.44 -16.31 -46.44
CA ARG A 443 -33.43 -15.23 -46.37
C ARG A 443 -34.76 -15.59 -47.03
N THR A 444 -34.73 -16.51 -47.99
CA THR A 444 -35.94 -16.92 -48.71
C THR A 444 -36.59 -18.14 -48.05
N ALA A 445 -37.86 -18.00 -47.70
CA ALA A 445 -38.63 -19.06 -47.04
C ALA A 445 -39.22 -20.07 -48.02
N LYS A 446 -39.50 -21.26 -47.50
CA LYS A 446 -39.92 -22.41 -48.30
C LYS A 446 -41.41 -22.71 -48.08
N CYS A 447 -42.18 -22.72 -49.15
CA CYS A 447 -43.59 -23.16 -49.08
C CYS A 447 -43.81 -24.47 -49.87
N GLU A 448 -43.91 -25.57 -49.12
CA GLU A 448 -43.80 -26.95 -49.63
C GLU A 448 -44.71 -27.24 -50.81
N PRO A 449 -46.04 -27.02 -50.65
CA PRO A 449 -46.87 -26.66 -51.81
C PRO A 449 -46.92 -25.12 -51.91
N ALA A 450 -46.52 -24.58 -53.05
CA ALA A 450 -46.33 -23.13 -53.19
C ALA A 450 -47.59 -22.30 -52.91
N CYS A 451 -47.39 -21.04 -52.52
CA CYS A 451 -48.50 -20.09 -52.34
C CYS A 451 -49.10 -19.76 -53.69
N ARG A 452 -50.37 -19.38 -53.69
CA ARG A 452 -51.09 -19.15 -54.93
C ARG A 452 -51.70 -17.75 -55.00
N HIS A 453 -52.28 -17.44 -56.17
CA HIS A 453 -52.96 -16.17 -56.39
C HIS A 453 -52.19 -14.99 -55.80
N GLY A 454 -50.88 -14.98 -56.05
CA GLY A 454 -50.02 -13.86 -55.69
C GLY A 454 -49.65 -13.80 -54.23
N GLY A 455 -49.86 -14.91 -53.51
CA GLY A 455 -49.50 -15.03 -52.09
C GLY A 455 -47.99 -14.92 -51.91
N VAL A 456 -47.56 -14.62 -50.68
CA VAL A 456 -46.14 -14.48 -50.39
C VAL A 456 -45.76 -15.48 -49.31
N CYS A 457 -44.69 -16.24 -49.53
CA CYS A 457 -44.15 -17.16 -48.54
C CYS A 457 -43.32 -16.39 -47.54
N VAL A 458 -43.89 -16.09 -46.38
CA VAL A 458 -43.23 -15.27 -45.36
C VAL A 458 -42.38 -16.07 -44.37
N ARG A 459 -42.99 -17.08 -43.75
CA ARG A 459 -42.28 -18.02 -42.88
C ARG A 459 -42.31 -19.37 -43.60
N PRO A 460 -41.61 -20.39 -43.07
CA PRO A 460 -41.71 -21.70 -43.74
C PRO A 460 -43.14 -22.24 -43.70
N ASN A 461 -43.68 -22.53 -44.88
CA ASN A 461 -45.06 -23.01 -45.02
C ASN A 461 -46.16 -22.06 -44.56
N LYS A 462 -45.84 -20.77 -44.47
CA LYS A 462 -46.84 -19.76 -44.18
C LYS A 462 -46.97 -18.82 -45.37
N CYS A 463 -48.20 -18.68 -45.88
CA CYS A 463 -48.47 -17.80 -47.01
C CYS A 463 -49.18 -16.53 -46.55
N LEU A 464 -48.74 -15.39 -47.07
CA LEU A 464 -49.45 -14.16 -46.84
C LEU A 464 -50.32 -13.88 -48.07
N CYS A 465 -51.61 -14.08 -47.91
CA CYS A 465 -52.54 -14.01 -49.02
C CYS A 465 -53.08 -12.61 -49.25
N LYS A 466 -53.35 -12.29 -50.52
CA LYS A 466 -54.04 -11.06 -50.90
C LYS A 466 -55.52 -11.19 -50.53
N LYS A 467 -56.17 -10.06 -50.28
CA LYS A 467 -57.56 -10.04 -49.83
C LYS A 467 -58.44 -10.86 -50.75
N GLY A 468 -59.28 -11.71 -50.17
CA GLY A 468 -60.22 -12.53 -50.93
C GLY A 468 -59.65 -13.83 -51.45
N TYR A 469 -58.49 -14.23 -50.91
CA TYR A 469 -57.96 -15.56 -51.16
C TYR A 469 -57.66 -16.24 -49.83
N LEU A 470 -58.42 -17.29 -49.54
CA LEU A 470 -58.32 -17.98 -48.26
C LEU A 470 -57.67 -19.35 -48.41
N GLY A 471 -57.30 -19.95 -47.28
CA GLY A 471 -56.68 -21.26 -47.23
C GLY A 471 -55.17 -21.19 -47.05
N PRO A 472 -54.55 -22.33 -46.66
CA PRO A 472 -53.11 -22.43 -46.42
C PRO A 472 -52.20 -21.98 -47.58
N GLN A 473 -52.71 -21.97 -48.81
CA GLN A 473 -51.94 -21.50 -49.96
C GLN A 473 -52.70 -20.44 -50.76
N CYS A 474 -53.75 -19.87 -50.16
CA CYS A 474 -54.56 -18.84 -50.80
C CYS A 474 -55.28 -19.41 -52.02
N GLU A 475 -55.64 -20.69 -51.96
CA GLU A 475 -56.15 -21.40 -53.13
C GLU A 475 -57.65 -21.23 -53.36
N HIS A 476 -58.32 -20.51 -52.45
CA HIS A 476 -59.76 -20.39 -52.49
C HIS A 476 -60.25 -18.96 -52.66
N HIS A 477 -61.33 -18.80 -53.41
CA HIS A 477 -61.93 -17.50 -53.65
C HIS A 477 -63.44 -17.61 -53.85
N HIS A 478 -64.19 -16.91 -53.00
CA HIS A 478 -65.63 -16.63 -53.19
C HIS A 478 -66.25 -16.19 -51.87
N HIS B 22 7.14 3.58 -23.42
CA HIS B 22 7.80 4.90 -23.17
C HIS B 22 8.64 4.93 -21.89
N ASN B 23 8.56 6.04 -21.16
CA ASN B 23 9.39 6.26 -19.99
C ASN B 23 8.60 6.28 -18.69
N CYS B 24 7.38 5.74 -18.76
CA CYS B 24 6.48 5.71 -17.62
C CYS B 24 6.95 4.75 -16.54
N PHE B 25 6.58 5.07 -15.32
CA PHE B 25 6.84 4.20 -14.19
C PHE B 25 5.58 3.41 -13.83
N CYS B 26 5.67 2.66 -12.74
CA CYS B 26 4.82 1.52 -12.52
C CYS B 26 4.51 1.41 -11.03
N ILE B 27 3.27 1.07 -10.67
CA ILE B 27 2.98 0.73 -9.25
C ILE B 27 2.46 -0.67 -9.03
N GLN B 28 2.92 -1.26 -7.92
CA GLN B 28 2.56 -2.61 -7.55
C GLN B 28 2.04 -2.65 -6.10
N GLU B 29 0.87 -3.25 -5.90
CA GLU B 29 0.29 -3.34 -4.55
C GLU B 29 1.10 -4.34 -3.72
N VAL B 30 1.56 -3.89 -2.55
CA VAL B 30 2.43 -4.71 -1.69
C VAL B 30 1.64 -5.33 -0.56
N VAL B 31 0.81 -4.51 0.08
CA VAL B 31 0.01 -4.89 1.24
C VAL B 31 -1.26 -4.06 1.25
N SER B 32 -2.35 -4.65 1.75
CA SER B 32 -3.54 -3.89 2.05
C SER B 32 -4.02 -4.17 3.47
N GLY B 33 -5.30 -3.95 3.73
CA GLY B 33 -5.85 -4.13 5.06
C GLY B 33 -5.31 -3.19 6.13
N LEU B 34 -4.48 -2.23 5.72
CA LEU B 34 -3.96 -1.21 6.63
C LEU B 34 -5.07 -0.22 7.02
N ARG B 35 -4.88 0.44 8.15
CA ARG B 35 -5.82 1.46 8.56
C ARG B 35 -5.15 2.82 8.59
N GLN B 36 -5.59 3.70 7.69
CA GLN B 36 -5.00 5.03 7.52
C GLN B 36 -3.47 5.03 7.65
N PRO B 37 -2.79 4.49 6.64
CA PRO B 37 -1.35 4.54 6.61
C PRO B 37 -0.92 5.97 6.52
N VAL B 38 0.21 6.28 7.13
CA VAL B 38 0.71 7.65 7.18
C VAL B 38 2.05 7.76 6.48
N GLY B 39 2.79 6.66 6.49
CA GLY B 39 4.14 6.56 5.93
C GLY B 39 4.80 5.25 6.28
N ALA B 40 5.99 5.00 5.73
CA ALA B 40 6.71 3.77 6.01
C ALA B 40 8.22 4.00 5.94
N LEU B 41 8.97 3.27 6.76
CA LEU B 41 10.43 3.36 6.76
C LEU B 41 11.10 2.13 7.39
N HIS B 42 12.40 2.01 7.20
CA HIS B 42 13.19 0.93 7.76
C HIS B 42 14.01 1.43 8.97
N SER B 43 14.68 0.51 9.66
CA SER B 43 15.45 0.89 10.85
C SER B 43 16.98 0.87 10.63
N GLY B 44 17.41 0.53 9.42
CA GLY B 44 18.81 0.53 9.05
C GLY B 44 19.66 -0.42 9.88
N ASP B 45 19.09 -1.56 10.23
CA ASP B 45 19.81 -2.54 11.06
C ASP B 45 20.20 -3.80 10.27
N GLY B 46 19.84 -3.81 8.98
CA GLY B 46 20.21 -4.89 8.07
C GLY B 46 19.08 -5.87 7.82
N SER B 47 18.12 -5.91 8.73
CA SER B 47 16.92 -6.73 8.59
C SER B 47 15.98 -5.91 7.77
N GLN B 48 15.69 -6.32 6.55
CA GLN B 48 15.00 -5.43 5.63
C GLN B 48 13.52 -5.20 5.98
N ARG B 49 13.29 -4.86 7.24
CA ARG B 49 11.97 -4.59 7.78
C ARG B 49 11.45 -3.29 7.24
N LEU B 50 10.14 -3.23 7.00
CA LEU B 50 9.51 -1.97 6.66
C LEU B 50 8.44 -1.70 7.70
N PHE B 51 8.61 -0.59 8.41
CA PHE B 51 7.72 -0.22 9.49
C PHE B 51 6.69 0.74 8.93
N ILE B 52 5.42 0.37 8.97
CA ILE B 52 4.38 1.26 8.43
C ILE B 52 3.55 1.95 9.51
N LEU B 53 3.47 3.28 9.43
CA LEU B 53 2.74 4.04 10.43
C LEU B 53 1.25 4.10 10.11
N GLU B 54 0.44 3.80 11.10
CA GLU B 54 -1.00 4.02 11.01
C GLU B 54 -1.39 5.18 11.92
N LYS B 55 -2.19 6.10 11.38
CA LYS B 55 -2.54 7.35 12.04
C LYS B 55 -3.17 7.21 13.42
N GLU B 56 -3.98 6.18 13.65
CA GLU B 56 -4.62 5.98 14.94
C GLU B 56 -3.63 5.73 16.09
N GLY B 57 -2.40 5.43 15.74
CA GLY B 57 -1.33 5.30 16.71
C GLY B 57 -0.71 3.92 16.76
N TYR B 58 -0.51 3.32 15.58
CA TYR B 58 0.13 2.01 15.46
C TYR B 58 1.30 2.04 14.47
N VAL B 59 2.34 1.26 14.75
CA VAL B 59 3.40 0.96 13.77
C VAL B 59 3.43 -0.55 13.53
N LYS B 60 3.23 -0.97 12.28
CA LYS B 60 3.28 -2.39 11.93
C LYS B 60 4.56 -2.75 11.17
N ILE B 61 5.01 -3.98 11.34
CA ILE B 61 6.19 -4.48 10.65
C ILE B 61 5.82 -5.27 9.41
N LEU B 62 6.37 -4.87 8.27
CA LEU B 62 6.30 -5.65 7.05
C LEU B 62 7.63 -6.34 6.80
N THR B 63 7.55 -7.66 6.86
CA THR B 63 8.66 -8.58 6.72
C THR B 63 9.13 -8.54 5.27
N PRO B 64 10.44 -8.72 5.03
CA PRO B 64 11.00 -8.56 3.68
C PRO B 64 10.54 -9.67 2.77
N GLU B 65 9.84 -10.62 3.36
CA GLU B 65 9.35 -11.80 2.69
C GLU B 65 7.84 -11.67 2.48
N GLY B 66 7.27 -10.57 2.98
CA GLY B 66 5.90 -10.22 2.66
C GLY B 66 4.85 -10.25 3.75
N GLU B 67 5.20 -10.74 4.94
CA GLU B 67 4.22 -10.91 6.03
C GLU B 67 4.06 -9.65 6.86
N ILE B 68 2.84 -9.40 7.33
CA ILE B 68 2.63 -8.37 8.32
C ILE B 68 2.48 -9.09 9.66
N PHE B 69 3.42 -8.86 10.57
CA PHE B 69 3.33 -9.50 11.87
C PHE B 69 2.02 -9.14 12.53
N LYS B 70 1.43 -10.12 13.21
CA LYS B 70 0.16 -9.94 13.89
C LYS B 70 0.22 -8.82 14.92
N GLU B 71 1.24 -8.86 15.78
CA GLU B 71 1.37 -7.89 16.86
C GLU B 71 2.09 -6.63 16.37
N PRO B 72 1.49 -5.46 16.61
CA PRO B 72 2.14 -4.21 16.20
C PRO B 72 3.50 -4.07 16.86
N TYR B 73 4.42 -3.39 16.17
CA TYR B 73 5.71 -3.05 16.74
C TYR B 73 5.53 -2.01 17.81
N LEU B 74 4.69 -1.01 17.55
CA LEU B 74 4.35 0.03 18.50
C LEU B 74 2.84 0.18 18.52
N ASP B 75 2.23 0.04 19.71
CA ASP B 75 0.80 0.27 19.85
C ASP B 75 0.55 1.38 20.86
N ILE B 76 0.24 2.56 20.35
CA ILE B 76 0.22 3.75 21.17
C ILE B 76 -1.15 4.48 21.09
N HIS B 77 -2.14 3.80 20.51
CA HIS B 77 -3.42 4.42 20.22
C HIS B 77 -4.15 5.00 21.42
N LYS B 78 -3.92 4.43 22.61
CA LYS B 78 -4.52 4.98 23.82
C LYS B 78 -3.98 6.37 24.11
N LEU B 79 -2.67 6.55 23.92
CA LEU B 79 -2.01 7.83 24.10
C LEU B 79 -2.39 8.91 23.10
N VAL B 80 -2.60 8.51 21.85
CA VAL B 80 -2.78 9.48 20.76
C VAL B 80 -4.23 9.86 20.49
N GLN B 81 -4.48 11.17 20.41
CA GLN B 81 -5.73 11.70 19.93
C GLN B 81 -5.57 11.86 18.44
N SER B 82 -6.41 11.18 17.68
CA SER B 82 -6.27 11.12 16.22
C SER B 82 -7.43 11.80 15.49
N GLY B 83 -7.24 12.00 14.18
CA GLY B 83 -8.22 12.66 13.32
C GLY B 83 -9.61 12.04 13.31
N ILE B 84 -10.60 12.85 12.95
CA ILE B 84 -12.00 12.42 12.88
C ILE B 84 -12.68 12.88 11.57
N LYS B 85 -12.63 14.18 11.32
CA LYS B 85 -13.16 14.76 10.09
C LYS B 85 -12.08 14.70 9.00
N GLY B 86 -12.43 15.18 7.80
CA GLY B 86 -11.55 15.15 6.64
C GLY B 86 -10.11 15.58 6.87
N GLY B 87 -9.90 16.89 6.93
CA GLY B 87 -8.54 17.46 7.06
C GLY B 87 -8.11 17.72 8.49
N ASP B 88 -8.28 16.71 9.34
CA ASP B 88 -7.91 16.79 10.74
C ASP B 88 -6.61 16.03 10.92
N GLU B 89 -5.50 16.76 11.09
CA GLU B 89 -4.16 16.19 11.03
C GLU B 89 -3.71 15.50 12.32
N ARG B 90 -4.66 15.17 13.18
CA ARG B 90 -4.38 14.97 14.59
C ARG B 90 -3.64 13.69 15.03
N GLY B 91 -3.46 12.70 14.16
CA GLY B 91 -2.89 11.40 14.61
C GLY B 91 -1.42 11.23 15.04
N LEU B 92 -0.88 10.04 14.76
CA LEU B 92 0.59 9.80 14.76
C LEU B 92 1.17 10.46 13.51
N LEU B 93 2.37 11.03 13.65
CA LEU B 93 2.88 11.93 12.61
C LEU B 93 4.18 11.48 11.97
N SER B 94 5.12 10.96 12.76
CA SER B 94 6.38 10.52 12.18
C SER B 94 7.15 9.52 13.06
N LEU B 95 8.00 8.72 12.41
CA LEU B 95 8.90 7.80 13.09
C LEU B 95 10.31 8.05 12.58
N ALA B 96 11.30 7.96 13.47
CA ALA B 96 12.70 8.03 13.06
C ALA B 96 13.50 7.07 13.91
N PHE B 97 14.33 6.25 13.26
CA PHE B 97 15.17 5.33 14.00
C PHE B 97 16.54 5.96 14.21
N HIS B 98 17.12 5.74 15.38
CA HIS B 98 18.49 6.18 15.62
C HIS B 98 19.45 5.50 14.65
N PRO B 99 20.42 6.27 14.11
CA PRO B 99 21.40 5.71 13.17
C PRO B 99 22.14 4.50 13.73
N ASN B 100 22.23 4.39 15.04
CA ASN B 100 22.76 3.20 15.70
C ASN B 100 21.73 2.33 16.39
N TYR B 101 20.59 2.12 15.71
CA TYR B 101 19.49 1.36 16.27
C TYR B 101 19.89 -0.10 16.49
N LYS B 102 20.77 -0.61 15.62
CA LYS B 102 21.23 -2.00 15.68
C LYS B 102 21.92 -2.30 17.02
N LYS B 103 22.43 -1.25 17.66
CA LYS B 103 23.09 -1.36 18.95
C LYS B 103 22.20 -0.89 20.10
N ASN B 104 21.82 0.40 20.08
CA ASN B 104 21.10 1.00 21.18
C ASN B 104 19.57 0.83 21.16
N GLY B 105 19.03 0.46 20.01
CA GLY B 105 17.60 0.16 19.88
C GLY B 105 16.63 1.31 20.09
N LYS B 106 17.03 2.51 19.69
CA LYS B 106 16.28 3.71 19.98
C LYS B 106 15.45 4.25 18.82
N LEU B 107 14.16 4.47 19.08
CA LEU B 107 13.27 5.11 18.10
C LEU B 107 12.95 6.49 18.59
N TYR B 108 12.45 7.32 17.67
CA TYR B 108 11.86 8.61 18.01
C TYR B 108 10.55 8.75 17.27
N VAL B 109 9.55 9.22 17.99
CA VAL B 109 8.20 9.27 17.47
C VAL B 109 7.56 10.61 17.80
N SER B 110 6.84 11.16 16.82
CA SER B 110 6.10 12.40 17.04
C SER B 110 4.61 12.13 16.86
N TYR B 111 3.83 12.52 17.85
CA TYR B 111 2.39 12.31 17.80
C TYR B 111 1.62 13.37 18.56
N THR B 112 0.32 13.42 18.25
CA THR B 112 -0.58 14.37 18.87
C THR B 112 -1.35 13.71 20.01
N THR B 113 -1.27 14.31 21.19
CA THR B 113 -1.95 13.77 22.36
C THR B 113 -2.79 14.78 23.09
N ASN B 114 -3.69 14.28 23.94
CA ASN B 114 -4.56 15.11 24.73
C ASN B 114 -4.12 15.32 26.17
N GLN B 115 -3.68 16.56 26.43
CA GLN B 115 -3.76 17.19 27.74
C GLN B 115 -2.98 16.58 28.93
N GLU B 116 -3.16 15.28 29.20
CA GLU B 116 -2.58 14.65 30.41
C GLU B 116 -2.39 15.63 31.58
N ARG B 117 -3.47 16.35 31.90
CA ARG B 117 -3.48 17.47 32.85
C ARG B 117 -2.38 18.51 32.62
N TRP B 118 -2.33 19.00 31.38
CA TRP B 118 -1.50 20.14 30.99
C TRP B 118 -2.18 21.41 31.49
N ALA B 119 -1.64 21.96 32.57
CA ALA B 119 -2.18 23.15 33.20
C ALA B 119 -1.37 24.39 32.81
N ILE B 120 -0.41 24.18 31.90
CA ILE B 120 0.58 25.19 31.54
C ILE B 120 0.01 26.33 30.68
N GLY B 121 -1.06 26.06 29.93
CA GLY B 121 -1.68 27.08 29.09
C GLY B 121 -2.72 26.56 28.11
N PRO B 122 -3.28 27.45 27.27
CA PRO B 122 -4.35 27.12 26.33
C PRO B 122 -3.87 26.22 25.21
N HIS B 123 -4.74 25.31 24.75
CA HIS B 123 -4.38 24.33 23.74
C HIS B 123 -5.61 23.55 23.29
N ASP B 124 -5.53 23.01 22.08
CA ASP B 124 -6.46 21.99 21.62
C ASP B 124 -5.85 20.63 21.96
N HIS B 125 -4.59 20.46 21.61
CA HIS B 125 -3.83 19.26 21.90
C HIS B 125 -2.37 19.68 22.02
N ILE B 126 -1.49 18.73 22.30
CA ILE B 126 -0.05 19.02 22.31
C ILE B 126 0.74 17.98 21.51
N LEU B 127 1.56 18.47 20.59
CA LEU B 127 2.41 17.63 19.76
C LEU B 127 3.64 17.21 20.55
N ARG B 128 3.86 15.89 20.65
CA ARG B 128 5.01 15.33 21.38
C ARG B 128 6.05 14.73 20.47
N VAL B 129 7.32 14.96 20.80
CA VAL B 129 8.41 14.17 20.23
C VAL B 129 8.95 13.33 21.38
N VAL B 130 8.95 12.01 21.18
CA VAL B 130 9.22 11.09 22.28
C VAL B 130 10.16 9.99 21.84
N GLU B 131 11.14 9.67 22.70
CA GLU B 131 12.01 8.54 22.48
C GLU B 131 11.40 7.26 23.02
N TYR B 132 11.46 6.20 22.22
CA TYR B 132 11.16 4.85 22.70
C TYR B 132 12.35 3.89 22.53
N THR B 133 12.27 2.72 23.14
CA THR B 133 13.31 1.71 23.03
C THR B 133 12.68 0.33 22.78
N VAL B 134 13.24 -0.44 21.86
CA VAL B 134 12.80 -1.81 21.64
C VAL B 134 12.90 -2.64 22.90
N SER B 135 11.98 -3.58 23.05
CA SER B 135 12.07 -4.62 24.07
C SER B 135 13.39 -5.38 23.94
N ARG B 136 14.10 -5.58 25.05
CA ARG B 136 15.30 -6.40 25.03
C ARG B 136 14.97 -7.87 24.87
N LYS B 137 13.72 -8.22 25.13
CA LYS B 137 13.24 -9.60 25.02
C LYS B 137 12.76 -9.93 23.62
N ASN B 138 12.23 -8.92 22.93
CA ASN B 138 11.65 -9.16 21.62
C ASN B 138 11.98 -8.02 20.66
N PRO B 139 12.82 -8.28 19.65
CA PRO B 139 13.24 -7.23 18.74
C PRO B 139 12.11 -6.77 17.80
N HIS B 140 10.91 -7.32 17.99
CA HIS B 140 9.80 -7.00 17.10
C HIS B 140 8.68 -6.22 17.80
N GLN B 141 9.03 -5.62 18.94
CA GLN B 141 8.09 -4.86 19.75
C GLN B 141 8.83 -3.86 20.64
N VAL B 142 8.31 -2.65 20.77
CA VAL B 142 8.95 -1.63 21.62
C VAL B 142 8.43 -1.74 23.05
N ASP B 143 9.31 -1.52 24.04
CA ASP B 143 8.91 -1.50 25.45
C ASP B 143 8.31 -0.15 25.79
N LEU B 144 6.99 -0.11 25.97
CA LEU B 144 6.25 1.14 26.21
C LEU B 144 6.66 1.87 27.49
N ARG B 145 7.37 1.17 28.37
CA ARG B 145 7.82 1.75 29.62
C ARG B 145 9.01 2.70 29.41
N THR B 146 9.63 2.63 28.24
CA THR B 146 10.88 3.34 27.98
C THR B 146 10.69 4.75 27.43
N ALA B 147 9.45 5.22 27.39
CA ALA B 147 9.15 6.52 26.78
C ALA B 147 9.87 7.64 27.52
N ARG B 148 10.60 8.47 26.78
CA ARG B 148 11.19 9.69 27.34
C ARG B 148 10.76 10.82 26.44
N VAL B 149 9.97 11.74 27.00
CA VAL B 149 9.50 12.91 26.28
C VAL B 149 10.67 13.87 26.01
N PHE B 150 10.72 14.43 24.80
CA PHE B 150 11.78 15.35 24.42
C PHE B 150 11.21 16.75 24.25
N LEU B 151 10.14 16.85 23.45
CA LEU B 151 9.49 18.12 23.19
C LEU B 151 7.99 17.99 23.40
N GLU B 152 7.40 19.08 23.84
CA GLU B 152 5.96 19.18 24.05
C GLU B 152 5.54 20.52 23.52
N VAL B 153 5.04 20.52 22.30
CA VAL B 153 4.65 21.74 21.60
C VAL B 153 3.15 21.94 21.74
N ALA B 154 2.76 22.95 22.52
CA ALA B 154 1.35 23.31 22.64
C ALA B 154 0.76 23.61 21.27
N GLU B 155 -0.46 23.16 21.02
CA GLU B 155 -1.08 23.33 19.73
C GLU B 155 -2.50 23.88 19.88
N LEU B 156 -2.82 24.92 19.12
CA LEU B 156 -4.16 25.51 19.18
C LEU B 156 -5.10 24.96 18.10
N HIS B 157 -4.53 24.42 17.02
CA HIS B 157 -5.35 23.95 15.91
C HIS B 157 -5.00 22.54 15.44
N ARG B 158 -5.66 22.09 14.38
CA ARG B 158 -5.55 20.71 13.94
C ARG B 158 -5.09 20.62 12.50
N LYS B 159 -4.49 21.70 12.01
CA LYS B 159 -3.92 21.77 10.67
C LYS B 159 -2.55 22.43 10.77
N HIS B 160 -1.71 22.25 9.74
CA HIS B 160 -0.39 22.88 9.68
C HIS B 160 0.55 22.33 10.77
N LEU B 161 0.31 21.09 11.18
CA LEU B 161 1.03 20.51 12.32
C LEU B 161 2.51 20.24 12.02
N GLY B 162 2.77 19.36 11.05
CA GLY B 162 4.14 18.96 10.71
C GLY B 162 4.54 17.73 11.49
N GLY B 163 5.77 17.71 11.98
CA GLY B 163 6.25 16.62 12.82
C GLY B 163 7.12 15.59 12.14
N GLN B 164 7.54 15.88 10.91
CA GLN B 164 8.47 15.00 10.21
C GLN B 164 9.78 14.94 10.98
N LEU B 165 10.23 13.72 11.24
CA LEU B 165 11.49 13.48 11.94
C LEU B 165 12.46 12.81 10.99
N LEU B 166 13.69 13.31 10.94
CA LEU B 166 14.76 12.67 10.18
C LEU B 166 16.11 12.83 10.88
N PHE B 167 17.01 11.89 10.64
CA PHE B 167 18.39 12.02 11.12
C PHE B 167 19.30 12.47 9.98
N GLY B 168 20.04 13.54 10.19
CA GLY B 168 21.01 13.98 9.18
C GLY B 168 22.17 13.02 9.09
N PRO B 169 22.97 13.13 8.01
CA PRO B 169 24.25 12.42 7.92
C PRO B 169 25.17 12.85 9.05
N ASP B 170 24.91 14.05 9.58
CA ASP B 170 25.60 14.57 10.76
C ASP B 170 25.30 13.75 12.01
N GLY B 171 24.20 13.00 11.97
CA GLY B 171 23.76 12.18 13.09
C GLY B 171 22.82 12.89 14.03
N PHE B 172 22.53 14.16 13.75
CA PHE B 172 21.61 14.95 14.56
C PHE B 172 20.19 14.71 14.09
N LEU B 173 19.23 14.97 14.98
CA LEU B 173 17.81 14.75 14.69
C LEU B 173 17.14 16.06 14.28
N TYR B 174 16.39 16.01 13.17
CA TYR B 174 15.67 17.18 12.68
C TYR B 174 14.18 16.97 12.87
N ILE B 175 13.50 18.00 13.36
CA ILE B 175 12.05 17.97 13.55
C ILE B 175 11.47 19.13 12.75
N ILE B 176 10.65 18.80 11.76
CA ILE B 176 10.04 19.81 10.91
C ILE B 176 8.65 20.18 11.41
N LEU B 177 8.55 21.29 12.12
CA LEU B 177 7.27 21.74 12.65
C LEU B 177 6.60 22.79 11.77
N GLY B 178 5.33 22.56 11.47
CA GLY B 178 4.56 23.50 10.66
C GLY B 178 4.04 24.67 11.48
N ASP B 179 3.27 25.52 10.82
CA ASP B 179 2.69 26.76 11.38
C ASP B 179 1.92 26.54 12.67
N GLY B 180 1.19 25.42 12.73
CA GLY B 180 0.23 25.13 13.78
C GLY B 180 -0.98 26.03 13.63
N MET B 181 -0.93 26.85 12.58
CA MET B 181 -1.86 27.98 12.36
C MET B 181 -1.81 29.03 13.47
N ILE B 182 -0.82 28.89 14.37
CA ILE B 182 -0.53 29.90 15.41
C ILE B 182 -0.23 31.24 14.75
N THR B 183 -0.93 32.28 15.18
CA THR B 183 -0.70 33.62 14.62
C THR B 183 0.06 34.51 15.60
N LEU B 184 0.95 35.36 15.08
CA LEU B 184 1.72 36.27 15.93
C LEU B 184 0.83 37.06 16.89
N ASP B 185 -0.43 37.22 16.51
CA ASP B 185 -1.43 37.80 17.41
C ASP B 185 -1.55 37.00 18.70
N ASP B 186 -2.13 35.80 18.62
CA ASP B 186 -2.31 34.95 19.79
C ASP B 186 -0.99 34.55 20.47
N MET B 187 0.11 34.62 19.70
CA MET B 187 1.43 34.36 20.23
C MET B 187 1.88 35.46 21.19
N GLU B 188 1.45 36.69 20.93
CA GLU B 188 1.73 37.84 21.81
C GLU B 188 0.83 37.85 23.03
N GLU B 189 -0.34 37.22 22.93
CA GLU B 189 -1.42 37.38 23.90
C GLU B 189 -1.73 36.13 24.73
N MET B 190 -0.85 35.12 24.68
CA MET B 190 -1.07 33.87 25.42
C MET B 190 0.19 33.32 26.07
N ASP B 191 0.03 32.71 27.25
CA ASP B 191 1.13 32.09 27.98
C ASP B 191 1.20 30.58 27.78
N GLY B 192 2.40 30.01 27.83
CA GLY B 192 2.58 28.56 27.71
C GLY B 192 2.43 28.08 26.28
N LEU B 193 2.99 28.87 25.35
CA LEU B 193 2.87 28.62 23.94
C LEU B 193 4.27 28.44 23.35
N SER B 194 4.47 27.35 22.62
CA SER B 194 5.79 27.02 22.08
C SER B 194 6.37 28.07 21.15
N ASP B 195 7.69 28.09 21.05
CA ASP B 195 8.42 28.94 20.12
C ASP B 195 9.07 28.11 19.03
N PHE B 196 8.66 26.85 18.93
CA PHE B 196 9.22 25.94 17.94
C PHE B 196 8.39 25.83 16.65
N THR B 197 7.10 26.19 16.70
CA THR B 197 6.23 26.05 15.53
C THR B 197 6.73 26.84 14.35
N GLY B 198 6.55 26.30 13.15
CA GLY B 198 7.02 26.93 11.92
C GLY B 198 8.53 26.93 11.78
N SER B 199 9.19 26.07 12.53
CA SER B 199 10.65 26.01 12.55
C SER B 199 11.17 24.61 12.29
N VAL B 200 12.35 24.53 11.68
CA VAL B 200 13.10 23.28 11.62
C VAL B 200 13.99 23.26 12.85
N LEU B 201 13.86 22.21 13.66
CA LEU B 201 14.69 22.06 14.86
C LEU B 201 15.77 20.99 14.65
N ARG B 202 16.92 21.18 15.29
CA ARG B 202 18.02 20.23 15.20
C ARG B 202 18.60 19.89 16.57
N LEU B 203 18.43 18.65 17.02
CA LEU B 203 18.90 18.24 18.36
C LEU B 203 19.98 17.16 18.33
N ASP B 204 20.93 17.27 19.25
CA ASP B 204 21.98 16.27 19.41
C ASP B 204 21.52 15.28 20.47
N VAL B 205 20.97 14.17 19.99
CA VAL B 205 20.35 13.17 20.86
C VAL B 205 21.38 12.38 21.66
N ASP B 206 22.63 12.39 21.21
CA ASP B 206 23.70 11.61 21.82
C ASP B 206 24.31 12.31 23.04
N THR B 207 23.58 12.34 24.15
CA THR B 207 24.04 13.01 25.37
C THR B 207 24.75 12.04 26.31
N ASP B 208 25.72 12.56 27.05
CA ASP B 208 26.32 11.84 28.16
C ASP B 208 25.87 12.46 29.48
N MET B 209 24.83 13.29 29.40
CA MET B 209 24.26 13.97 30.56
C MET B 209 22.89 13.41 30.88
N CYS B 210 22.47 13.51 32.14
CA CYS B 210 21.17 12.99 32.56
C CYS B 210 20.22 14.07 33.08
N ASN B 211 20.71 15.32 33.08
CA ASN B 211 19.92 16.45 33.57
C ASN B 211 18.87 16.93 32.56
N VAL B 212 19.17 16.76 31.27
CA VAL B 212 18.30 17.21 30.17
C VAL B 212 18.08 16.02 29.22
N PRO B 213 16.89 15.94 28.56
CA PRO B 213 16.66 14.90 27.55
C PRO B 213 17.59 14.92 26.34
N TYR B 214 18.00 16.10 25.87
CA TYR B 214 18.82 16.22 24.66
C TYR B 214 19.84 17.33 24.76
N SER B 215 20.87 17.24 23.93
CA SER B 215 21.96 18.22 23.88
C SER B 215 21.86 19.01 22.58
N ILE B 216 22.48 20.19 22.53
CA ILE B 216 22.45 21.02 21.33
C ILE B 216 23.83 21.07 20.66
N PRO B 217 23.90 20.72 19.35
CA PRO B 217 25.15 20.74 18.59
C PRO B 217 25.85 22.08 18.59
N ARG B 218 27.18 22.06 18.70
CA ARG B 218 28.00 23.28 18.68
C ARG B 218 27.90 23.99 17.34
N SER B 219 27.56 23.23 16.30
CA SER B 219 27.39 23.75 14.94
C SER B 219 26.03 24.42 14.69
N ASN B 220 25.14 24.32 15.67
CA ASN B 220 23.84 25.00 15.62
C ASN B 220 23.97 26.52 15.73
N PRO B 221 23.11 27.26 15.01
CA PRO B 221 23.01 28.68 15.31
C PRO B 221 22.22 28.81 16.61
N HIS B 222 22.61 29.75 17.46
CA HIS B 222 22.03 29.94 18.80
C HIS B 222 22.54 28.92 19.82
N PHE B 223 23.63 28.21 19.51
CA PHE B 223 24.15 27.14 20.37
C PHE B 223 24.26 27.50 21.85
N ASN B 224 24.92 28.62 22.14
CA ASN B 224 25.08 29.10 23.51
C ASN B 224 24.14 30.29 23.80
N SER B 225 23.42 30.70 22.75
CA SER B 225 22.64 31.95 22.76
C SER B 225 21.67 32.12 23.93
N THR B 226 21.50 33.37 24.34
CA THR B 226 20.59 33.75 25.43
C THR B 226 19.38 34.55 24.93
N ASN B 227 19.48 35.11 23.73
CA ASN B 227 18.39 35.87 23.13
C ASN B 227 17.44 35.01 22.28
N GLN B 228 17.88 33.79 21.96
CA GLN B 228 17.15 32.90 21.06
C GLN B 228 17.03 31.46 21.61
N PRO B 229 16.16 30.62 21.00
CA PRO B 229 16.01 29.25 21.46
C PRO B 229 17.03 28.33 20.77
N PRO B 230 17.92 27.70 21.55
CA PRO B 230 19.03 26.96 20.96
C PRO B 230 18.63 25.75 20.09
N GLU B 231 17.36 25.35 20.18
CA GLU B 231 16.82 24.23 19.39
C GLU B 231 16.55 24.59 17.94
N VAL B 232 16.15 25.85 17.70
CA VAL B 232 15.76 26.28 16.35
C VAL B 232 16.98 26.40 15.45
N PHE B 233 16.89 25.74 14.29
CA PHE B 233 17.94 25.78 13.27
C PHE B 233 17.55 26.74 12.16
N ALA B 234 16.30 26.66 11.72
CA ALA B 234 15.72 27.60 10.74
C ALA B 234 14.24 27.79 11.03
N HIS B 235 13.66 28.89 10.54
CA HIS B 235 12.24 29.18 10.74
C HIS B 235 11.59 29.73 9.48
N GLY B 236 10.26 29.63 9.41
CA GLY B 236 9.49 30.26 8.36
C GLY B 236 8.59 29.32 7.59
N LEU B 237 8.24 28.20 8.22
CA LEU B 237 7.38 27.18 7.61
C LEU B 237 5.91 27.41 7.95
N HIS B 238 5.05 27.07 7.00
CA HIS B 238 3.61 27.20 7.21
C HIS B 238 2.90 25.85 7.18
N ASP B 239 2.65 25.33 5.99
CA ASP B 239 2.00 24.04 5.85
C ASP B 239 2.88 23.10 5.03
N PRO B 240 3.90 22.49 5.68
CA PRO B 240 4.82 21.67 4.92
C PRO B 240 4.24 20.29 4.67
N GLY B 241 4.58 19.71 3.53
CA GLY B 241 4.20 18.35 3.23
C GLY B 241 5.26 17.42 3.76
N ARG B 242 5.37 16.24 3.16
CA ARG B 242 6.48 15.34 3.45
C ARG B 242 7.67 15.88 2.70
N CYS B 243 8.68 16.36 3.42
CA CYS B 243 9.84 16.99 2.80
C CYS B 243 10.85 15.96 2.28
N ALA B 244 11.31 16.18 1.05
CA ALA B 244 12.33 15.33 0.45
C ALA B 244 13.67 15.59 1.11
N VAL B 245 14.45 14.54 1.28
CA VAL B 245 15.73 14.65 1.99
C VAL B 245 16.88 14.10 1.14
N ASP B 246 17.82 14.98 0.81
CA ASP B 246 19.00 14.63 0.02
C ASP B 246 20.20 14.49 0.96
N ARG B 247 20.82 13.31 0.95
CA ARG B 247 21.94 13.04 1.86
C ARG B 247 23.32 13.08 1.19
N HIS B 248 23.35 13.00 -0.14
CA HIS B 248 24.58 13.08 -0.93
C HIS B 248 25.59 11.96 -0.60
N ASN B 255 27.29 17.49 3.55
CA ASN B 255 26.07 18.29 3.63
C ASN B 255 24.77 17.48 3.65
N LEU B 256 23.65 18.21 3.69
CA LEU B 256 22.31 17.65 3.78
C LEU B 256 21.36 18.69 3.17
N THR B 257 20.44 18.24 2.33
CA THR B 257 19.42 19.13 1.78
C THR B 257 18.03 18.62 2.15
N ILE B 258 17.20 19.51 2.67
CA ILE B 258 15.78 19.19 2.79
C ILE B 258 14.92 20.20 2.00
N LEU B 259 14.06 19.67 1.13
CA LEU B 259 13.24 20.46 0.22
C LEU B 259 11.77 20.20 0.50
N CYS B 260 11.06 21.22 1.00
CA CYS B 260 9.66 21.06 1.38
C CYS B 260 8.73 21.73 0.40
N SER B 261 7.54 21.14 0.24
CA SER B 261 6.43 21.84 -0.39
C SER B 261 5.66 22.52 0.74
N ASP B 262 5.24 23.77 0.52
CA ASP B 262 4.47 24.49 1.52
C ASP B 262 3.17 25.00 0.89
N SER B 263 2.04 24.59 1.46
CA SER B 263 0.73 25.03 0.96
C SER B 263 0.45 26.48 1.31
N ASN B 264 0.82 26.86 2.53
CA ASN B 264 0.63 28.22 3.07
C ASN B 264 -0.84 28.63 3.23
N GLY B 265 -1.72 27.63 3.33
CA GLY B 265 -3.15 27.85 3.51
C GLY B 265 -3.81 28.53 2.32
N LYS B 266 -4.33 29.73 2.55
CA LYS B 266 -4.95 30.56 1.51
C LYS B 266 -3.86 31.06 0.56
N ASN B 267 -3.26 30.11 -0.16
CA ASN B 267 -2.11 30.34 -1.03
C ASN B 267 -1.91 29.09 -1.89
N ARG B 268 -1.34 29.26 -3.08
CA ARG B 268 -1.18 28.18 -4.07
C ARG B 268 -0.32 27.00 -3.60
N SER B 269 0.95 27.00 -4.00
CA SER B 269 1.93 26.01 -3.55
C SER B 269 3.37 26.42 -3.89
N SER B 270 4.12 26.80 -2.86
CA SER B 270 5.51 27.22 -3.01
C SER B 270 6.46 26.22 -2.37
N ALA B 271 7.72 26.22 -2.82
CA ALA B 271 8.75 25.33 -2.25
C ALA B 271 9.77 26.08 -1.41
N ARG B 272 10.38 25.37 -0.47
CA ARG B 272 11.42 25.92 0.41
C ARG B 272 12.57 24.92 0.49
N ILE B 273 13.79 25.43 0.61
CA ILE B 273 14.96 24.57 0.62
C ILE B 273 15.97 24.98 1.71
N LEU B 274 16.36 23.99 2.51
CA LEU B 274 17.36 24.19 3.54
C LEU B 274 18.61 23.37 3.23
N GLN B 275 19.76 24.03 3.25
CA GLN B 275 21.05 23.36 3.11
C GLN B 275 21.92 23.64 4.32
N ILE B 276 22.54 22.60 4.86
CA ILE B 276 23.31 22.73 6.10
C ILE B 276 24.82 22.89 5.87
N ILE B 277 25.23 22.80 4.60
CA ILE B 277 26.64 22.90 4.20
C ILE B 277 27.50 21.80 4.86
N LYS B 278 28.81 21.87 4.72
CA LYS B 278 29.69 20.79 5.15
C LYS B 278 30.52 21.17 6.38
N GLY B 279 30.02 20.78 7.56
CA GLY B 279 30.71 21.01 8.83
C GLY B 279 31.11 22.45 9.08
N LYS B 280 30.12 23.30 9.34
CA LYS B 280 30.32 24.73 9.53
C LYS B 280 29.58 25.22 10.76
N ASP B 281 30.28 25.94 11.63
CA ASP B 281 29.68 26.56 12.81
C ASP B 281 28.77 27.72 12.44
N TYR B 282 27.48 27.56 12.70
CA TYR B 282 26.50 28.58 12.42
C TYR B 282 26.35 29.52 13.61
N GLU B 283 26.36 30.83 13.34
CA GLU B 283 26.20 31.84 14.37
C GLU B 283 24.90 32.62 14.16
N SER B 284 24.45 32.68 12.90
CA SER B 284 23.14 33.19 12.54
C SER B 284 22.48 32.20 11.58
N GLU B 285 21.18 31.97 11.78
CA GLU B 285 20.39 30.97 11.03
C GLU B 285 20.62 30.95 9.52
N PRO B 286 20.68 29.74 8.91
CA PRO B 286 20.56 29.63 7.46
C PRO B 286 19.15 30.03 7.04
N SER B 287 19.04 30.59 5.83
CA SER B 287 17.75 31.04 5.32
C SER B 287 16.89 29.88 4.81
N LEU B 288 15.61 30.16 4.61
CA LEU B 288 14.68 29.18 4.10
C LEU B 288 14.28 29.57 2.68
N LEU B 289 15.26 29.52 1.77
CA LEU B 289 15.11 30.03 0.41
C LEU B 289 13.84 29.55 -0.26
N GLU B 290 13.04 30.50 -0.74
CA GLU B 290 11.76 30.21 -1.36
C GLU B 290 11.85 30.24 -2.89
N PHE B 291 11.19 29.27 -3.52
CA PHE B 291 11.08 29.20 -4.99
C PHE B 291 9.84 28.41 -5.41
N LYS B 292 9.33 28.69 -6.60
CA LYS B 292 8.03 28.15 -7.03
C LYS B 292 8.09 27.38 -8.36
N PRO B 293 8.56 26.11 -8.33
CA PRO B 293 8.56 25.29 -9.53
C PRO B 293 7.35 24.36 -9.61
N PHE B 294 6.21 24.78 -9.03
CA PHE B 294 4.99 23.97 -9.01
C PHE B 294 3.78 24.75 -9.53
N SER B 295 2.97 24.09 -10.35
CA SER B 295 1.86 24.75 -11.03
C SER B 295 0.51 24.04 -10.83
N ASN B 296 0.56 22.71 -10.76
CA ASN B 296 -0.64 21.86 -10.71
C ASN B 296 -1.51 22.01 -9.47
N GLY B 297 -0.96 22.60 -8.41
CA GLY B 297 -1.70 22.81 -7.16
C GLY B 297 -0.98 22.28 -5.93
N PRO B 298 -1.74 21.84 -4.91
CA PRO B 298 -1.14 21.44 -3.64
C PRO B 298 -0.55 20.03 -3.68
N LEU B 299 0.67 19.91 -3.17
CA LEU B 299 1.37 18.64 -3.15
C LEU B 299 1.21 17.94 -1.80
N VAL B 300 1.34 16.62 -1.80
CA VAL B 300 1.34 15.85 -0.56
C VAL B 300 2.75 15.93 0.02
N GLY B 301 3.73 15.94 -0.88
CA GLY B 301 5.14 15.97 -0.50
C GLY B 301 6.02 15.23 -1.51
N GLY B 302 7.25 14.94 -1.10
CA GLY B 302 8.22 14.32 -2.00
C GLY B 302 9.34 13.58 -1.32
N PHE B 303 10.19 12.96 -2.14
CA PHE B 303 11.32 12.17 -1.68
C PHE B 303 12.45 12.24 -2.69
N VAL B 304 13.65 11.88 -2.27
CA VAL B 304 14.80 11.79 -3.17
C VAL B 304 15.09 10.31 -3.42
N TYR B 305 14.74 9.81 -4.60
CA TYR B 305 14.99 8.41 -4.92
C TYR B 305 16.47 8.06 -4.94
N ARG B 306 16.87 7.18 -4.03
CA ARG B 306 18.25 6.74 -3.94
C ARG B 306 18.33 5.22 -3.88
N GLY B 307 17.35 4.58 -4.52
CA GLY B 307 17.30 3.13 -4.60
C GLY B 307 18.23 2.56 -5.64
N CYS B 308 18.12 1.25 -5.84
CA CYS B 308 18.99 0.51 -6.72
C CYS B 308 18.23 0.03 -7.97
N GLN B 309 16.92 -0.14 -7.85
CA GLN B 309 16.14 -0.77 -8.91
C GLN B 309 16.07 0.08 -10.17
N SER B 310 15.77 1.37 -10.02
CA SER B 310 15.80 2.28 -11.16
C SER B 310 17.15 2.99 -11.24
N GLU B 311 17.68 3.11 -12.44
CA GLU B 311 18.86 3.94 -12.62
C GLU B 311 18.45 5.34 -13.03
N ARG B 312 17.50 5.44 -13.96
CA ARG B 312 17.06 6.73 -14.50
C ARG B 312 16.44 7.65 -13.46
N LEU B 313 15.92 7.08 -12.39
CA LEU B 313 15.26 7.86 -11.37
C LEU B 313 16.24 8.28 -10.27
N TYR B 314 17.37 7.58 -10.19
CA TYR B 314 18.32 7.77 -9.11
C TYR B 314 18.77 9.21 -9.01
N GLY B 315 18.75 9.76 -7.80
CA GLY B 315 19.18 11.14 -7.58
C GLY B 315 18.09 12.17 -7.79
N SER B 316 16.99 11.78 -8.44
CA SER B 316 15.87 12.68 -8.71
C SER B 316 15.05 12.99 -7.46
N TYR B 317 14.55 14.22 -7.40
CA TYR B 317 13.50 14.57 -6.46
C TYR B 317 12.18 14.18 -7.10
N VAL B 318 11.30 13.55 -6.33
CA VAL B 318 9.95 13.25 -6.81
C VAL B 318 8.92 13.85 -5.87
N PHE B 319 7.98 14.60 -6.43
CA PHE B 319 6.85 15.11 -5.66
C PHE B 319 5.54 14.71 -6.32
N GLY B 320 4.56 14.33 -5.51
CA GLY B 320 3.27 13.90 -6.03
C GLY B 320 2.10 14.53 -5.30
N ASP B 321 0.97 14.64 -5.98
CA ASP B 321 -0.23 15.18 -5.36
C ASP B 321 -1.18 14.07 -4.89
N ARG B 322 -2.14 14.48 -4.08
CA ARG B 322 -3.18 13.60 -3.52
C ARG B 322 -3.68 12.53 -4.48
N ASN B 323 -3.86 12.90 -5.75
CA ASN B 323 -4.49 12.02 -6.74
C ASN B 323 -3.51 11.26 -7.64
N GLY B 324 -2.22 11.35 -7.33
CA GLY B 324 -1.19 10.55 -8.01
C GLY B 324 -0.48 11.17 -9.20
N ASN B 325 -0.60 12.49 -9.37
CA ASN B 325 0.14 13.20 -10.40
C ASN B 325 1.56 13.46 -9.93
N PHE B 326 2.54 12.88 -10.60
CA PHE B 326 3.94 13.02 -10.16
C PHE B 326 4.79 14.03 -10.95
N LEU B 327 5.79 14.59 -10.27
CA LEU B 327 6.76 15.52 -10.85
C LEU B 327 8.17 15.03 -10.55
N THR B 328 9.13 15.47 -11.35
CA THR B 328 10.53 15.19 -11.07
C THR B 328 11.33 16.48 -11.20
N LEU B 329 11.78 17.00 -10.05
CA LEU B 329 12.69 18.14 -10.04
C LEU B 329 14.11 17.66 -10.35
N GLN B 330 14.46 17.68 -11.63
CA GLN B 330 15.79 17.30 -12.05
C GLN B 330 16.74 18.50 -12.01
N GLN B 331 17.78 18.37 -11.19
CA GLN B 331 18.78 19.40 -11.02
C GLN B 331 19.76 19.37 -12.19
N SER B 332 19.51 20.20 -13.20
CA SER B 332 20.37 20.27 -14.37
C SER B 332 21.77 20.77 -13.97
N PRO B 333 22.80 19.94 -14.16
CA PRO B 333 24.16 20.29 -13.73
C PRO B 333 24.85 21.33 -14.62
N VAL B 334 24.57 21.27 -15.93
CA VAL B 334 25.13 22.22 -16.89
C VAL B 334 24.52 23.62 -16.79
N THR B 335 23.26 23.67 -16.34
CA THR B 335 22.53 24.93 -16.22
C THR B 335 21.82 25.02 -14.88
N LYS B 336 22.13 26.07 -14.12
CA LYS B 336 21.53 26.27 -12.80
C LYS B 336 20.03 26.52 -12.95
N GLN B 337 19.22 25.48 -12.70
CA GLN B 337 17.77 25.54 -12.88
C GLN B 337 17.06 24.36 -12.20
N TRP B 338 16.05 24.68 -11.39
CA TRP B 338 15.14 23.68 -10.85
C TRP B 338 14.06 23.38 -11.89
N GLN B 339 14.42 22.59 -12.90
CA GLN B 339 13.50 22.24 -13.99
C GLN B 339 12.67 21.00 -13.69
N GLU B 340 11.37 21.20 -13.53
CA GLU B 340 10.44 20.09 -13.31
C GLU B 340 10.10 19.38 -14.62
N LYS B 341 10.12 18.05 -14.57
CA LYS B 341 9.62 17.21 -15.66
C LYS B 341 8.60 16.23 -15.09
N PRO B 342 7.46 16.06 -15.77
CA PRO B 342 6.44 15.12 -15.28
C PRO B 342 6.94 13.68 -15.22
N LEU B 343 6.32 12.87 -14.37
CA LEU B 343 6.65 11.46 -14.26
C LEU B 343 5.34 10.72 -14.46
N CYS B 344 5.27 9.93 -15.52
CA CYS B 344 4.01 9.29 -15.88
C CYS B 344 3.93 7.87 -15.34
N LEU B 345 2.71 7.45 -15.03
CA LEU B 345 2.46 6.06 -14.68
C LEU B 345 1.89 5.33 -15.88
N GLY B 346 2.39 4.12 -16.11
CA GLY B 346 1.97 3.30 -17.24
C GLY B 346 1.93 1.85 -16.83
N THR B 347 0.93 1.13 -17.32
CA THR B 347 0.73 -0.26 -16.94
C THR B 347 1.51 -1.22 -17.85
N SER B 348 2.37 -2.02 -17.24
CA SER B 348 3.13 -3.03 -17.97
C SER B 348 3.13 -4.30 -17.16
N GLY B 349 2.57 -5.36 -17.75
CA GLY B 349 2.31 -6.59 -17.04
C GLY B 349 1.14 -6.41 -16.09
N SER B 350 1.30 -6.87 -14.86
CA SER B 350 0.31 -6.72 -13.82
C SER B 350 0.76 -5.59 -12.90
N CYS B 351 1.78 -4.88 -13.35
CA CYS B 351 2.27 -3.71 -12.64
C CYS B 351 1.64 -2.53 -13.37
N ARG B 352 0.82 -1.76 -12.66
CA ARG B 352 -0.21 -0.98 -13.30
C ARG B 352 0.04 0.52 -13.24
N GLY B 353 -0.58 1.27 -14.14
CA GLY B 353 -0.39 2.71 -14.23
C GLY B 353 -1.36 3.50 -13.38
N TYR B 354 -1.80 2.89 -12.28
CA TYR B 354 -2.71 3.51 -11.33
C TYR B 354 -2.63 2.80 -9.99
N PHE B 355 -3.25 3.39 -8.98
CA PHE B 355 -3.36 2.82 -7.65
C PHE B 355 -4.70 3.31 -7.10
N SER B 356 -5.24 2.64 -6.10
CA SER B 356 -6.53 3.09 -5.57
C SER B 356 -6.36 4.12 -4.43
N GLY B 357 -7.39 4.96 -4.25
CA GLY B 357 -7.41 5.96 -3.19
C GLY B 357 -6.61 7.23 -3.43
N HIS B 358 -6.40 7.98 -2.34
CA HIS B 358 -5.61 9.21 -2.34
C HIS B 358 -4.29 8.98 -1.60
N ILE B 359 -3.20 9.59 -2.08
CA ILE B 359 -1.88 9.46 -1.43
C ILE B 359 -1.83 10.19 -0.09
N LEU B 360 -1.54 9.45 0.98
CA LEU B 360 -1.41 10.07 2.29
C LEU B 360 0.04 10.20 2.74
N GLY B 361 0.91 9.34 2.20
CA GLY B 361 2.34 9.43 2.51
C GLY B 361 3.23 8.57 1.63
N PHE B 362 4.53 8.63 1.90
CA PHE B 362 5.52 7.91 1.13
C PHE B 362 6.36 7.00 2.02
N GLY B 363 6.96 5.97 1.44
CA GLY B 363 7.77 5.03 2.21
C GLY B 363 9.14 4.83 1.60
N GLU B 364 10.05 4.22 2.35
CA GLU B 364 11.37 3.87 1.83
C GLU B 364 11.97 2.60 2.46
N ASP B 365 12.46 1.72 1.58
CA ASP B 365 13.21 0.51 1.92
C ASP B 365 14.58 0.78 2.52
N GLU B 366 15.09 -0.22 3.23
CA GLU B 366 16.51 -0.26 3.54
C GLU B 366 17.36 -0.34 2.28
N LEU B 367 16.76 -0.74 1.16
CA LEU B 367 17.43 -0.76 -0.12
C LEU B 367 17.15 0.52 -0.88
N GLY B 368 16.27 1.33 -0.33
CA GLY B 368 16.05 2.68 -0.85
C GLY B 368 14.98 2.76 -1.92
N GLU B 369 14.26 1.67 -2.12
CA GLU B 369 13.13 1.69 -3.04
C GLU B 369 12.01 2.49 -2.39
N VAL B 370 11.08 3.00 -3.20
CA VAL B 370 10.12 3.95 -2.66
C VAL B 370 8.67 3.43 -2.69
N TYR B 371 7.83 4.02 -1.85
CA TYR B 371 6.43 3.58 -1.76
C TYR B 371 5.48 4.76 -1.74
N ILE B 372 4.23 4.51 -2.11
CA ILE B 372 3.18 5.43 -1.74
C ILE B 372 2.24 4.69 -0.79
N LEU B 373 1.65 5.44 0.12
CA LEU B 373 0.61 4.91 1.00
C LEU B 373 -0.69 5.66 0.72
N SER B 374 -1.77 4.91 0.52
CA SER B 374 -3.05 5.50 0.16
C SER B 374 -4.24 4.96 0.96
N SER B 375 -5.26 5.81 1.06
CA SER B 375 -6.55 5.45 1.62
C SER B 375 -7.63 6.30 0.96
N SER B 376 -8.88 5.92 1.16
CA SER B 376 -10.00 6.75 0.78
C SER B 376 -11.00 6.74 1.93
N LYS B 377 -12.21 7.25 1.71
CA LYS B 377 -13.24 7.17 2.75
C LYS B 377 -13.80 5.76 2.78
N SER B 378 -14.01 5.16 1.61
CA SER B 378 -14.32 3.73 1.49
C SER B 378 -13.24 2.89 2.15
N MET B 379 -11.98 3.34 2.02
CA MET B 379 -10.84 2.57 2.49
C MET B 379 -10.54 2.73 3.99
N THR B 380 -10.82 3.91 4.55
CA THR B 380 -10.57 4.17 5.97
C THR B 380 -11.57 3.38 6.80
N GLN B 381 -12.83 3.50 6.43
CA GLN B 381 -13.93 2.82 7.11
C GLN B 381 -13.81 1.30 7.06
N THR B 382 -13.26 0.79 5.97
CA THR B 382 -13.09 -0.65 5.76
C THR B 382 -11.83 -1.22 6.43
N HIS B 383 -10.92 -0.34 6.86
CA HIS B 383 -9.57 -0.75 7.23
C HIS B 383 -8.98 -1.44 6.03
N ASN B 384 -8.77 -0.69 4.96
CA ASN B 384 -8.22 -1.25 3.73
C ASN B 384 -7.27 -0.28 3.05
N GLY B 385 -6.39 0.32 3.84
CA GLY B 385 -5.35 1.20 3.33
C GLY B 385 -4.33 0.32 2.66
N LYS B 386 -3.63 0.87 1.68
CA LYS B 386 -2.75 0.07 0.85
C LYS B 386 -1.36 0.64 0.88
N LEU B 387 -0.37 -0.25 0.80
CA LEU B 387 1.01 0.13 0.51
C LEU B 387 1.32 -0.24 -0.93
N TYR B 388 1.85 0.73 -1.67
CA TYR B 388 2.18 0.52 -3.08
C TYR B 388 3.66 0.79 -3.36
N LYS B 389 4.32 -0.09 -4.10
CA LYS B 389 5.71 0.15 -4.51
C LYS B 389 5.80 0.74 -5.93
N ILE B 390 6.69 1.73 -6.09
CA ILE B 390 7.03 2.27 -7.40
C ILE B 390 8.08 1.40 -8.09
N VAL B 391 7.76 0.92 -9.29
CA VAL B 391 8.65 0.06 -10.04
C VAL B 391 9.13 0.78 -11.32
N ASP B 392 10.31 0.44 -11.80
CA ASP B 392 10.77 0.90 -13.10
C ASP B 392 10.73 -0.30 -14.04
N PRO B 393 9.76 -0.32 -14.97
CA PRO B 393 9.57 -1.47 -15.85
C PRO B 393 10.67 -1.64 -16.89
N LYS B 394 11.53 -0.64 -17.04
CA LYS B 394 12.66 -0.72 -17.96
C LYS B 394 13.83 -1.50 -17.36
N ARG B 395 13.87 -1.59 -16.03
CA ARG B 395 14.92 -2.36 -15.32
C ARG B 395 14.38 -3.65 -14.72
N PRO B 396 15.23 -4.69 -14.61
CA PRO B 396 14.83 -5.94 -13.98
C PRO B 396 14.31 -5.72 -12.58
N LEU B 397 13.41 -6.59 -12.11
CA LEU B 397 12.95 -6.49 -10.73
C LEU B 397 14.08 -6.62 -9.71
N MET B 398 15.01 -7.54 -9.99
CA MET B 398 16.20 -7.67 -9.18
C MET B 398 17.44 -7.70 -10.07
N PRO B 399 18.05 -6.52 -10.31
CA PRO B 399 19.35 -6.50 -10.98
C PRO B 399 20.41 -7.10 -10.06
N GLU B 400 21.43 -7.73 -10.63
CA GLU B 400 22.56 -8.29 -9.88
C GLU B 400 23.01 -7.37 -8.74
N GLU B 401 23.28 -6.11 -9.07
CA GLU B 401 23.76 -5.09 -8.11
C GLU B 401 22.85 -4.95 -6.91
N CYS B 402 21.54 -5.10 -7.13
CA CYS B 402 20.57 -4.83 -6.10
C CYS B 402 20.45 -5.96 -5.11
N ARG B 403 20.98 -7.13 -5.46
CA ARG B 403 20.88 -8.33 -4.64
C ARG B 403 21.16 -8.02 -3.19
N ALA B 404 20.17 -8.32 -2.37
CA ALA B 404 20.12 -8.00 -0.95
C ALA B 404 20.86 -9.08 -0.18
N THR B 405 21.07 -8.86 1.11
CA THR B 405 21.27 -10.01 2.00
C THR B 405 20.87 -9.70 3.43
N VAL B 406 19.71 -10.25 3.81
CA VAL B 406 19.03 -9.85 5.04
C VAL B 406 19.67 -10.41 6.30
N GLN B 407 20.00 -9.51 7.24
CA GLN B 407 20.50 -9.88 8.55
C GLN B 407 19.40 -9.65 9.57
N PRO B 408 18.78 -10.74 10.05
CA PRO B 408 17.56 -10.67 10.86
C PRO B 408 17.79 -9.91 12.15
N ALA B 409 16.78 -9.14 12.56
CA ALA B 409 16.84 -8.35 13.79
C ALA B 409 17.23 -9.20 15.00
N GLN B 410 18.07 -8.63 15.86
CA GLN B 410 18.63 -9.34 17.01
C GLN B 410 18.39 -8.55 18.28
N THR B 411 18.19 -9.25 19.40
CA THR B 411 17.91 -8.58 20.67
C THR B 411 19.07 -7.71 21.10
N LEU B 412 18.76 -6.61 21.77
CA LEU B 412 19.77 -5.70 22.32
C LEU B 412 20.79 -6.43 23.19
N THR B 413 22.08 -6.16 22.96
CA THR B 413 23.14 -6.73 23.78
C THR B 413 24.18 -5.68 24.21
N SER B 414 23.85 -4.40 24.02
CA SER B 414 24.74 -3.31 24.42
C SER B 414 24.85 -3.29 25.94
N GLU B 415 26.08 -3.15 26.45
CA GLU B 415 26.34 -3.18 27.89
C GLU B 415 25.24 -2.49 28.71
N CYS B 416 24.89 -1.26 28.32
CA CYS B 416 23.89 -0.47 29.04
C CYS B 416 22.51 -1.11 29.00
N SER B 417 22.15 -1.72 27.88
CA SER B 417 20.87 -2.39 27.77
C SER B 417 20.72 -3.43 28.85
N ARG B 418 21.76 -4.26 29.01
CA ARG B 418 21.73 -5.42 29.92
C ARG B 418 21.88 -5.10 31.40
N LEU B 419 22.59 -4.01 31.71
CA LEU B 419 22.98 -3.72 33.11
C LEU B 419 22.25 -2.56 33.78
N CYS B 420 21.85 -1.56 32.98
CA CYS B 420 21.25 -0.34 33.53
C CYS B 420 19.77 -0.48 33.81
N ARG B 421 19.43 -0.80 35.06
CA ARG B 421 18.03 -0.78 35.51
C ARG B 421 17.96 0.13 36.73
N ASN B 422 16.76 0.67 36.99
CA ASN B 422 16.55 1.76 37.95
C ASN B 422 16.95 3.10 37.35
N GLY B 423 16.85 3.17 36.03
CA GLY B 423 17.11 4.38 35.30
C GLY B 423 16.86 4.18 33.82
N TYR B 424 16.98 5.26 33.05
CA TYR B 424 16.94 5.15 31.61
C TYR B 424 18.37 5.11 31.08
N CYS B 425 18.49 4.93 29.78
CA CYS B 425 19.77 4.63 29.17
C CYS B 425 19.85 5.41 27.86
N THR B 426 20.83 6.31 27.75
CA THR B 426 20.94 7.24 26.61
C THR B 426 21.45 6.55 25.36
N PRO B 427 21.26 7.17 24.17
CA PRO B 427 21.74 6.58 22.92
C PRO B 427 23.25 6.31 22.88
N THR B 428 24.03 6.99 23.74
CA THR B 428 25.47 6.75 23.81
C THR B 428 25.80 5.65 24.80
N GLY B 429 24.76 5.12 25.44
CA GLY B 429 24.93 4.04 26.40
C GLY B 429 25.16 4.47 27.83
N LYS B 430 25.09 5.77 28.10
CA LYS B 430 25.21 6.26 29.46
C LYS B 430 23.94 5.97 30.26
N CYS B 431 24.11 5.33 31.42
CA CYS B 431 23.00 5.01 32.28
C CYS B 431 22.62 6.23 33.12
N CYS B 432 21.31 6.49 33.26
CA CYS B 432 20.81 7.65 33.99
C CYS B 432 19.76 7.25 35.00
N CYS B 433 19.99 7.62 36.25
CA CYS B 433 19.25 7.07 37.36
C CYS B 433 17.96 7.80 37.66
N SER B 434 16.91 7.05 37.97
CA SER B 434 15.67 7.62 38.49
C SER B 434 15.85 8.01 39.95
N PRO B 435 15.13 9.06 40.41
CA PRO B 435 15.21 9.55 41.80
C PRO B 435 15.54 8.50 42.87
N GLY B 436 16.70 8.66 43.50
CA GLY B 436 17.09 7.80 44.62
C GLY B 436 17.98 6.63 44.24
N TRP B 437 18.76 6.80 43.18
CA TRP B 437 19.75 5.82 42.77
C TRP B 437 21.02 6.50 42.27
N GLU B 438 22.14 5.81 42.42
CA GLU B 438 23.43 6.31 41.94
C GLU B 438 24.28 5.13 41.44
N GLY B 439 25.50 5.43 41.00
CA GLY B 439 26.41 4.40 40.52
C GLY B 439 26.37 4.22 39.02
N ASP B 440 27.35 3.49 38.50
CA ASP B 440 27.52 3.30 37.07
C ASP B 440 26.25 2.82 36.38
N PHE B 441 25.56 1.88 37.01
CA PHE B 441 24.35 1.30 36.41
C PHE B 441 23.11 1.41 37.29
N CYS B 442 23.11 2.44 38.13
CA CYS B 442 21.99 2.77 39.01
C CYS B 442 21.51 1.59 39.84
N ARG B 443 22.46 0.91 40.48
CA ARG B 443 22.16 -0.24 41.31
C ARG B 443 22.20 0.14 42.78
N THR B 444 22.88 1.25 43.08
CA THR B 444 23.04 1.71 44.46
C THR B 444 21.95 2.71 44.83
N ALA B 445 21.26 2.41 45.94
CA ALA B 445 20.18 3.25 46.44
C ALA B 445 20.68 4.34 47.40
N LYS B 446 20.14 5.54 47.21
CA LYS B 446 20.43 6.69 48.09
C LYS B 446 19.48 6.70 49.29
N CYS B 447 19.99 7.08 50.45
CA CYS B 447 19.16 7.31 51.62
C CYS B 447 19.35 8.75 52.13
N GLU B 448 18.27 9.55 52.04
CA GLU B 448 18.31 11.01 52.20
C GLU B 448 18.83 11.48 53.55
N PRO B 449 18.23 10.97 54.66
CA PRO B 449 19.00 10.84 55.89
C PRO B 449 19.63 9.43 55.92
N ALA B 450 20.95 9.36 56.00
CA ALA B 450 21.66 8.09 55.88
C ALA B 450 21.26 7.07 56.95
N CYS B 451 21.39 5.78 56.62
CA CYS B 451 21.18 4.72 57.59
C CYS B 451 22.31 4.73 58.62
N ARG B 452 21.95 4.65 59.89
CA ARG B 452 22.91 4.67 61.00
C ARG B 452 23.30 3.25 61.41
N HIS B 453 24.36 3.16 62.22
CA HIS B 453 24.81 1.89 62.82
C HIS B 453 25.00 0.76 61.81
N GLY B 454 25.78 1.06 60.77
CA GLY B 454 26.12 0.11 59.72
C GLY B 454 24.98 -0.54 58.97
N GLY B 455 23.87 0.16 58.85
CA GLY B 455 22.69 -0.33 58.11
C GLY B 455 22.82 -0.08 56.62
N VAL B 456 22.28 -0.97 55.80
CA VAL B 456 22.42 -0.86 54.36
C VAL B 456 21.21 -0.16 53.76
N CYS B 457 21.44 0.66 52.73
CA CYS B 457 20.38 1.31 51.98
C CYS B 457 19.96 0.43 50.78
N VAL B 458 19.06 -0.52 51.02
CA VAL B 458 18.61 -1.48 50.00
C VAL B 458 17.76 -0.88 48.90
N ARG B 459 16.85 0.00 49.30
CA ARG B 459 16.00 0.74 48.39
C ARG B 459 16.11 2.22 48.74
N PRO B 460 15.64 3.12 47.85
CA PRO B 460 15.71 4.55 48.15
C PRO B 460 14.97 4.89 49.44
N ASN B 461 15.71 5.44 50.41
CA ASN B 461 15.19 5.79 51.73
C ASN B 461 14.66 4.63 52.57
N LYS B 462 14.87 3.40 52.11
CA LYS B 462 14.63 2.22 52.93
C LYS B 462 15.97 1.72 53.47
N CYS B 463 16.02 1.49 54.79
CA CYS B 463 17.24 0.97 55.42
C CYS B 463 17.04 -0.45 55.92
N LEU B 464 18.00 -1.31 55.64
CA LEU B 464 18.06 -2.62 56.27
C LEU B 464 18.98 -2.43 57.45
N CYS B 465 18.47 -2.70 58.65
CA CYS B 465 19.22 -2.49 59.90
C CYS B 465 19.87 -3.78 60.42
N LYS B 466 20.86 -3.61 61.29
CA LYS B 466 21.45 -4.74 61.99
C LYS B 466 20.80 -4.95 63.34
N LYS B 467 20.81 -6.18 63.83
CA LYS B 467 20.13 -6.55 65.08
C LYS B 467 20.44 -5.58 66.22
N GLY B 468 19.38 -5.16 66.91
CA GLY B 468 19.50 -4.22 68.02
C GLY B 468 19.41 -2.75 67.62
N TYR B 469 19.10 -2.47 66.37
CA TYR B 469 18.94 -1.09 65.91
C TYR B 469 17.64 -0.88 65.15
N LEU B 470 16.66 -0.33 65.85
CA LEU B 470 15.34 -0.05 65.30
C LEU B 470 15.24 1.38 64.78
N GLY B 471 14.19 1.67 64.01
CA GLY B 471 13.95 3.02 63.51
C GLY B 471 14.17 3.15 62.02
N PRO B 472 13.55 4.16 61.39
CA PRO B 472 13.61 4.41 59.95
C PRO B 472 15.03 4.36 59.37
N GLN B 473 16.02 4.88 60.12
CA GLN B 473 17.42 4.83 59.71
C GLN B 473 18.29 4.05 60.70
N CYS B 474 17.69 3.10 61.40
CA CYS B 474 18.39 2.37 62.45
C CYS B 474 18.93 3.35 63.49
N GLU B 475 18.14 4.38 63.79
CA GLU B 475 18.58 5.50 64.60
C GLU B 475 18.70 5.14 66.08
N HIS B 476 17.77 4.32 66.60
CA HIS B 476 17.73 3.99 68.03
C HIS B 476 18.16 2.55 68.31
N HIS B 477 18.51 2.27 69.57
CA HIS B 477 19.05 0.96 69.95
C HIS B 477 18.31 0.28 71.13
N HIS B 478 18.49 0.82 72.34
CA HIS B 478 17.94 0.25 73.59
C HIS B 478 18.41 -1.16 73.91
N LYS C 10 26.01 47.49 34.45
CA LYS C 10 25.10 47.73 35.61
C LYS C 10 23.78 46.99 35.43
N LEU C 11 23.14 47.17 34.29
CA LEU C 11 21.87 46.52 33.97
C LEU C 11 22.00 45.49 32.86
N THR C 12 22.16 44.23 33.24
CA THR C 12 22.24 43.12 32.27
C THR C 12 20.85 42.63 31.88
N PRO C 13 20.62 42.38 30.57
CA PRO C 13 19.33 41.89 30.11
C PRO C 13 19.08 40.44 30.54
N LEU C 14 17.82 40.12 30.85
CA LEU C 14 17.45 38.75 31.17
C LEU C 14 17.61 37.83 29.96
N ALA C 15 18.09 36.62 30.21
CA ALA C 15 18.20 35.60 29.19
C ALA C 15 16.83 35.02 28.91
N TYR C 16 16.67 34.42 27.73
CA TYR C 16 15.42 33.78 27.33
C TYR C 16 15.04 32.68 28.35
N LYS C 17 13.77 32.68 28.73
CA LYS C 17 13.21 31.72 29.71
C LYS C 17 13.76 31.86 31.13
N GLN C 18 14.40 32.99 31.42
CA GLN C 18 14.88 33.28 32.76
C GLN C 18 13.80 34.00 33.54
N PHE C 19 13.62 33.59 34.80
CA PHE C 19 12.72 34.28 35.71
C PHE C 19 13.45 34.81 36.95
N ILE C 20 13.14 36.05 37.33
CA ILE C 20 13.73 36.68 38.51
C ILE C 20 12.59 37.22 39.40
N PRO C 21 12.56 36.79 40.68
CA PRO C 21 13.53 35.91 41.35
C PRO C 21 13.51 34.48 40.81
N ASN C 22 14.64 33.80 40.93
CA ASN C 22 14.80 32.44 40.42
C ASN C 22 14.05 31.40 41.26
N VAL C 23 12.77 31.67 41.50
CA VAL C 23 11.84 30.74 42.15
C VAL C 23 10.51 30.74 41.40
N ALA C 24 9.63 29.80 41.74
CA ALA C 24 8.29 29.73 41.14
C ALA C 24 7.48 30.99 41.44
N GLU C 25 6.59 31.34 40.51
CA GLU C 25 5.76 32.54 40.61
C GLU C 25 4.94 32.61 41.90
N LYS C 26 4.36 31.48 42.28
CA LYS C 26 3.41 31.40 43.39
C LYS C 26 4.06 31.25 44.77
N THR C 27 5.39 31.20 44.81
CA THR C 27 6.12 31.08 46.07
C THR C 27 6.14 32.40 46.84
N LEU C 28 6.48 32.31 48.13
CA LEU C 28 6.45 33.45 49.05
C LEU C 28 7.43 34.54 48.65
N GLY C 29 8.57 34.15 48.10
CA GLY C 29 9.60 35.09 47.66
C GLY C 29 9.29 35.83 46.38
N ALA C 30 8.33 35.31 45.62
CA ALA C 30 7.97 35.90 44.33
C ALA C 30 6.66 36.70 44.39
N SER C 31 5.58 36.12 43.88
CA SER C 31 4.31 36.86 43.73
C SER C 31 3.14 36.28 44.53
N GLY C 32 3.42 35.32 45.41
CA GLY C 32 2.41 34.77 46.32
C GLY C 32 1.39 33.87 45.66
N ARG C 33 0.52 33.28 46.48
CA ARG C 33 -0.46 32.29 46.01
C ARG C 33 -1.61 32.86 45.19
N TYR C 34 -2.08 32.06 44.23
CA TYR C 34 -3.28 32.34 43.45
C TYR C 34 -4.48 32.31 44.38
N GLU C 35 -5.21 33.43 44.44
CA GLU C 35 -6.34 33.56 45.37
C GLU C 35 -7.68 33.16 44.75
N GLY C 36 -7.78 33.26 43.43
CA GLY C 36 -9.01 32.89 42.72
C GLY C 36 -9.27 33.77 41.50
N LYS C 37 -10.04 33.21 40.57
CA LYS C 37 -10.39 33.90 39.33
C LYS C 37 -11.35 35.05 39.59
N ILE C 38 -11.09 36.20 38.98
CA ILE C 38 -11.97 37.35 39.09
C ILE C 38 -12.72 37.59 37.77
N SER C 39 -13.97 37.13 37.73
CA SER C 39 -14.82 37.26 36.54
C SER C 39 -15.49 38.63 36.49
N ARG C 40 -16.06 38.95 35.33
CA ARG C 40 -16.69 40.26 35.08
C ARG C 40 -17.87 40.55 36.00
N ASN C 41 -18.66 39.52 36.29
CA ASN C 41 -19.89 39.66 37.09
C ASN C 41 -19.67 39.59 38.61
N SER C 42 -18.40 39.56 39.02
CA SER C 42 -18.05 39.36 40.42
C SER C 42 -17.95 40.67 41.21
N GLU C 43 -17.90 40.56 42.53
CA GLU C 43 -17.72 41.70 43.41
C GLU C 43 -16.27 42.16 43.41
N ARG C 44 -15.34 41.21 43.31
CA ARG C 44 -13.91 41.51 43.26
C ARG C 44 -13.46 42.17 41.96
N PHE C 45 -14.35 42.17 40.96
CA PHE C 45 -14.10 42.86 39.70
C PHE C 45 -14.10 44.39 39.87
N LYS C 46 -14.86 44.85 40.86
CA LYS C 46 -14.94 46.28 41.19
C LYS C 46 -13.65 46.83 41.77
N GLU C 47 -12.83 45.95 42.36
CA GLU C 47 -11.53 46.33 42.89
C GLU C 47 -10.58 46.77 41.78
N LEU C 48 -10.75 46.18 40.60
CA LEU C 48 -9.92 46.48 39.45
C LEU C 48 -10.29 47.82 38.83
N THR C 49 -9.27 48.60 38.47
CA THR C 49 -9.46 49.93 37.88
C THR C 49 -8.56 50.11 36.64
N PRO C 50 -9.14 50.64 35.53
CA PRO C 50 -8.42 50.69 34.25
C PRO C 50 -7.22 51.61 34.29
N ASN C 51 -6.10 51.14 33.73
CA ASN C 51 -4.89 51.94 33.64
C ASN C 51 -4.96 52.81 32.37
N TYR C 52 -5.08 54.13 32.57
CA TYR C 52 -5.19 55.06 31.45
C TYR C 52 -3.92 55.89 31.21
N ASN C 53 -2.78 55.38 31.67
CA ASN C 53 -1.49 56.00 31.45
C ASN C 53 -1.23 56.28 29.96
N PRO C 54 -1.07 57.58 29.60
CA PRO C 54 -0.82 57.98 28.21
C PRO C 54 0.55 57.55 27.67
N ASP C 55 1.43 57.10 28.57
CA ASP C 55 2.77 56.64 28.18
C ASP C 55 2.83 55.11 28.02
N ILE C 56 1.67 54.46 28.00
CA ILE C 56 1.59 53.01 27.81
C ILE C 56 0.59 52.66 26.70
N ILE C 57 1.08 51.92 25.70
CA ILE C 57 0.24 51.40 24.63
C ILE C 57 -0.42 50.11 25.10
N PHE C 58 -1.75 50.11 25.12
CA PHE C 58 -2.51 48.88 25.39
C PHE C 58 -3.04 48.36 24.07
N LYS C 59 -2.68 47.11 23.73
CA LYS C 59 -3.06 46.52 22.45
C LYS C 59 -4.57 46.43 22.30
N ASP C 60 -5.25 46.00 23.36
CA ASP C 60 -6.70 45.85 23.38
C ASP C 60 -7.23 45.23 22.09
N GLU C 61 -6.78 44.01 21.80
CA GLU C 61 -7.26 43.22 20.66
C GLU C 61 -8.68 42.73 20.93
N GLU C 62 -8.98 42.51 22.22
CA GLU C 62 -10.28 42.02 22.69
C GLU C 62 -11.38 43.06 22.43
N ASN C 63 -10.97 44.33 22.31
CA ASN C 63 -11.87 45.47 22.13
C ASN C 63 -12.84 45.68 23.30
N THR C 64 -12.43 45.19 24.47
CA THR C 64 -13.24 45.28 25.70
C THR C 64 -12.60 46.20 26.75
N GLY C 65 -11.33 46.55 26.52
CA GLY C 65 -10.56 47.35 27.48
C GLY C 65 -10.06 46.51 28.64
N ALA C 66 -10.05 45.19 28.44
CA ALA C 66 -9.66 44.23 29.47
C ALA C 66 -8.19 44.38 29.88
N ASP C 67 -7.34 44.63 28.88
CA ASP C 67 -5.89 44.74 29.10
C ASP C 67 -5.50 45.86 30.06
N ARG C 68 -6.36 46.86 30.21
CA ARG C 68 -6.11 48.01 31.08
C ARG C 68 -6.34 47.71 32.56
N LEU C 69 -7.27 46.78 32.84
CA LEU C 69 -7.65 46.45 34.21
C LEU C 69 -6.55 45.68 34.96
N MET C 70 -6.24 46.16 36.16
CA MET C 70 -5.20 45.58 37.01
C MET C 70 -5.36 46.05 38.46
N THR C 71 -4.68 45.37 39.39
CA THR C 71 -4.69 45.79 40.80
C THR C 71 -3.86 47.07 40.96
N GLN C 72 -4.07 47.76 42.08
CA GLN C 72 -3.34 49.00 42.39
C GLN C 72 -1.83 48.81 42.35
N ARG C 73 -1.37 47.65 42.84
CA ARG C 73 0.05 47.31 42.86
C ARG C 73 0.63 47.16 41.45
N CYS C 74 -0.09 46.43 40.60
CA CYS C 74 0.32 46.25 39.20
C CYS C 74 0.42 47.58 38.47
N LYS C 75 -0.48 48.51 38.78
CA LYS C 75 -0.45 49.88 38.24
C LYS C 75 0.87 50.55 38.58
N ASP C 76 1.18 50.60 39.87
CA ASP C 76 2.36 51.30 40.39
C ASP C 76 3.65 50.83 39.74
N LYS C 77 3.83 49.51 39.63
CA LYS C 77 5.02 48.94 39.04
C LYS C 77 5.07 49.20 37.53
N LEU C 78 3.92 49.09 36.87
CA LEU C 78 3.83 49.28 35.40
C LEU C 78 4.04 50.73 34.99
N ASN C 79 3.50 51.66 35.78
CA ASN C 79 3.69 53.08 35.50
C ASN C 79 5.13 53.50 35.73
N ALA C 80 5.77 52.89 36.72
CA ALA C 80 7.19 53.11 36.99
C ALA C 80 8.05 52.59 35.84
N LEU C 81 7.63 51.46 35.28
CA LEU C 81 8.29 50.83 34.14
C LEU C 81 8.16 51.68 32.88
N ALA C 82 7.01 52.31 32.70
CA ALA C 82 6.75 53.20 31.56
C ALA C 82 7.81 54.29 31.47
N ILE C 83 8.12 54.90 32.61
CA ILE C 83 9.09 55.99 32.72
C ILE C 83 10.50 55.54 32.33
N SER C 84 10.90 54.36 32.80
CA SER C 84 12.24 53.82 32.53
C SER C 84 12.42 53.34 31.09
N VAL C 85 11.35 52.84 30.46
CA VAL C 85 11.41 52.40 29.06
C VAL C 85 11.59 53.61 28.14
N MET C 86 10.86 54.68 28.40
CA MET C 86 11.01 55.94 27.67
C MET C 86 12.40 56.57 27.86
N ASN C 87 13.03 56.26 28.99
CA ASN C 87 14.39 56.72 29.30
C ASN C 87 15.48 55.87 28.64
N GLN C 88 15.25 54.55 28.62
CA GLN C 88 16.19 53.61 28.00
C GLN C 88 16.23 53.78 26.49
N TRP C 89 15.05 53.84 25.88
CA TRP C 89 14.92 54.05 24.44
C TRP C 89 14.01 55.26 24.18
N PRO C 90 14.60 56.38 23.72
CA PRO C 90 13.81 57.55 23.33
C PRO C 90 12.88 57.25 22.15
N GLY C 91 11.69 57.83 22.19
CA GLY C 91 10.68 57.62 21.14
C GLY C 91 10.03 56.25 21.20
N VAL C 92 10.30 55.51 22.28
CA VAL C 92 9.75 54.16 22.48
C VAL C 92 9.01 54.09 23.83
N LYS C 93 7.85 53.46 23.80
CA LYS C 93 7.00 53.30 24.99
C LYS C 93 6.78 51.83 25.34
N LEU C 94 6.34 51.60 26.58
CA LEU C 94 5.96 50.27 27.04
C LEU C 94 4.60 49.88 26.46
N ARG C 95 4.53 48.69 25.87
CA ARG C 95 3.32 48.20 25.24
C ARG C 95 2.76 46.98 26.00
N VAL C 96 1.44 46.98 26.20
CA VAL C 96 0.75 45.90 26.89
C VAL C 96 -0.12 45.10 25.91
N THR C 97 0.04 43.78 25.92
CA THR C 97 -0.72 42.88 25.06
C THR C 97 -1.82 42.17 25.86
N GLU C 98 -1.49 41.84 27.10
CA GLU C 98 -2.44 41.26 28.05
C GLU C 98 -2.30 41.87 29.43
N GLY C 99 -3.43 42.01 30.11
CA GLY C 99 -3.47 42.39 31.51
C GLY C 99 -4.38 41.41 32.23
N TRP C 100 -5.57 41.88 32.59
CA TRP C 100 -6.63 40.99 33.07
C TRP C 100 -7.16 40.21 31.87
N ASP C 101 -7.49 38.94 32.09
CA ASP C 101 -7.94 38.07 31.02
C ASP C 101 -9.23 37.35 31.39
N GLU C 102 -10.16 37.33 30.45
CA GLU C 102 -11.41 36.59 30.59
C GLU C 102 -11.55 35.53 29.49
N ASP C 103 -10.65 35.57 28.52
CA ASP C 103 -10.67 34.67 27.36
C ASP C 103 -10.25 33.24 27.72
N GLY C 104 -9.46 33.12 28.80
CA GLY C 104 -8.90 31.83 29.21
C GLY C 104 -7.63 31.50 28.47
N HIS C 105 -6.92 32.53 28.01
CA HIS C 105 -5.74 32.37 27.15
C HIS C 105 -4.43 32.20 27.93
N HIS C 106 -4.53 31.71 29.16
CA HIS C 106 -3.35 31.56 30.03
C HIS C 106 -3.37 30.23 30.78
N SER C 107 -2.48 30.09 31.77
CA SER C 107 -2.36 28.84 32.55
C SER C 107 -3.57 28.63 33.45
N GLU C 108 -3.82 27.38 33.84
CA GLU C 108 -5.00 27.00 34.65
C GLU C 108 -5.31 27.93 35.82
N GLU C 109 -4.27 28.42 36.48
CA GLU C 109 -4.44 29.36 37.59
C GLU C 109 -3.51 30.56 37.41
N SER C 110 -3.78 31.33 36.37
CA SER C 110 -2.95 32.48 36.02
C SER C 110 -3.27 33.71 36.85
N LEU C 111 -2.24 34.47 37.18
CA LEU C 111 -2.40 35.72 37.91
C LEU C 111 -2.97 36.81 37.00
N HIS C 112 -3.12 36.47 35.71
CA HIS C 112 -3.85 37.31 34.78
C HIS C 112 -5.34 37.37 35.14
N TYR C 113 -5.87 36.24 35.58
CA TYR C 113 -7.30 36.09 35.85
C TYR C 113 -7.79 36.91 37.04
N GLU C 114 -6.87 37.35 37.89
CA GLU C 114 -7.21 38.24 39.00
C GLU C 114 -6.57 39.63 38.87
N GLY C 115 -6.00 39.90 37.71
CA GLY C 115 -5.46 41.22 37.38
C GLY C 115 -4.17 41.58 38.08
N ARG C 116 -3.33 40.56 38.33
CA ARG C 116 -2.03 40.78 38.95
C ARG C 116 -0.89 40.70 37.94
N ALA C 117 -1.19 40.17 36.76
CA ALA C 117 -0.17 39.92 35.74
C ALA C 117 -0.36 40.77 34.47
N VAL C 118 0.76 41.02 33.78
CA VAL C 118 0.75 41.68 32.48
C VAL C 118 1.73 41.03 31.51
N ASP C 119 1.35 41.03 30.22
CA ASP C 119 2.25 40.57 29.17
C ASP C 119 2.69 41.79 28.36
N ILE C 120 3.98 42.08 28.43
CA ILE C 120 4.51 43.36 27.96
C ILE C 120 5.46 43.20 26.77
N THR C 121 5.49 44.24 25.93
CA THR C 121 6.43 44.38 24.83
C THR C 121 6.83 45.85 24.73
N THR C 122 7.73 46.17 23.82
CA THR C 122 8.01 47.56 23.48
C THR C 122 7.10 47.98 22.33
N SER C 123 6.85 49.29 22.21
CA SER C 123 5.92 49.84 21.23
C SER C 123 6.23 49.43 19.79
N ASP C 124 7.50 49.39 19.44
CA ASP C 124 7.95 49.07 18.08
C ASP C 124 7.91 47.57 17.78
N ARG C 125 7.82 46.76 18.84
CA ARG C 125 7.80 45.29 18.75
C ARG C 125 9.13 44.74 18.23
N ASP C 126 10.22 45.27 18.80
CA ASP C 126 11.57 44.81 18.50
C ASP C 126 11.96 43.74 19.52
N ARG C 127 12.03 42.50 19.04
CA ARG C 127 12.27 41.34 19.90
C ARG C 127 13.63 41.37 20.61
N SER C 128 14.60 42.08 20.00
CA SER C 128 15.94 42.20 20.55
C SER C 128 16.03 43.12 21.77
N LYS C 129 14.94 43.84 22.06
CA LYS C 129 14.89 44.76 23.20
C LYS C 129 14.24 44.15 24.44
N TYR C 130 13.54 43.03 24.28
CA TYR C 130 12.72 42.44 25.34
C TYR C 130 13.52 41.97 26.56
N GLY C 131 14.74 41.48 26.33
CA GLY C 131 15.65 41.06 27.41
C GLY C 131 15.98 42.18 28.37
N MET C 132 16.32 43.34 27.80
CA MET C 132 16.56 44.56 28.57
C MET C 132 15.24 45.09 29.14
N LEU C 133 14.15 44.86 28.40
CA LEU C 133 12.81 45.24 28.85
C LEU C 133 12.40 44.45 30.09
N ALA C 134 12.86 43.21 30.17
CA ALA C 134 12.61 42.36 31.33
C ALA C 134 13.35 42.89 32.56
N ARG C 135 14.61 43.26 32.38
CA ARG C 135 15.44 43.82 33.45
C ARG C 135 14.84 45.13 33.99
N LEU C 136 14.29 45.94 33.08
CA LEU C 136 13.62 47.18 33.45
C LEU C 136 12.36 46.92 34.27
N ALA C 137 11.71 45.78 34.02
CA ALA C 137 10.56 45.36 34.80
C ALA C 137 10.96 44.87 36.19
N VAL C 138 12.16 44.28 36.28
CA VAL C 138 12.73 43.81 37.55
C VAL C 138 13.03 44.99 38.48
N GLU C 139 13.69 46.01 37.94
CA GLU C 139 14.02 47.23 38.69
C GLU C 139 12.79 48.07 39.01
N ALA C 140 11.78 47.98 38.14
CA ALA C 140 10.49 48.67 38.35
C ALA C 140 9.81 48.21 39.64
N GLY C 141 10.10 46.98 40.06
CA GLY C 141 9.60 46.44 41.32
C GLY C 141 8.62 45.30 41.20
N PHE C 142 8.48 44.76 39.99
CA PHE C 142 7.61 43.60 39.77
C PHE C 142 8.12 42.41 40.56
N ASP C 143 7.20 41.76 41.28
CA ASP C 143 7.53 40.68 42.21
C ASP C 143 7.99 39.39 41.53
N TRP C 144 7.72 39.27 40.23
CA TRP C 144 8.19 38.15 39.41
C TRP C 144 8.17 38.53 37.93
N VAL C 145 9.34 38.47 37.31
CA VAL C 145 9.50 38.78 35.88
C VAL C 145 10.02 37.54 35.16
N TYR C 146 9.37 37.20 34.05
CA TYR C 146 9.67 35.97 33.31
C TYR C 146 9.70 36.24 31.80
N TYR C 147 10.85 35.97 31.20
CA TYR C 147 10.99 36.01 29.75
C TYR C 147 10.31 34.76 29.18
N GLU C 148 8.98 34.80 29.08
CA GLU C 148 8.18 33.62 28.73
C GLU C 148 8.40 33.12 27.31
N SER C 149 8.25 34.01 26.34
CA SER C 149 8.41 33.67 24.93
C SER C 149 9.13 34.82 24.23
N LYS C 150 9.43 34.65 22.93
CA LYS C 150 10.03 35.73 22.13
C LYS C 150 9.04 36.86 21.96
N ALA C 151 7.76 36.53 21.90
CA ALA C 151 6.72 37.51 21.62
C ALA C 151 6.44 38.48 22.77
N HIS C 152 6.71 38.06 24.00
CA HIS C 152 6.40 38.90 25.17
C HIS C 152 7.15 38.56 26.46
N ILE C 153 7.13 39.49 27.41
CA ILE C 153 7.64 39.29 28.77
C ILE C 153 6.46 39.23 29.74
N HIS C 154 6.45 38.23 30.61
CA HIS C 154 5.42 38.08 31.64
C HIS C 154 5.86 38.74 32.95
N CYS C 155 5.01 39.60 33.49
CA CYS C 155 5.28 40.26 34.76
C CYS C 155 4.08 40.06 35.69
N SER C 156 4.35 39.95 36.98
CA SER C 156 3.30 39.77 37.99
C SER C 156 3.65 40.42 39.33
N VAL C 157 2.63 40.65 40.15
CA VAL C 157 2.80 41.28 41.46
C VAL C 157 2.12 40.46 42.57
N LYS C 158 2.41 40.82 43.82
CA LYS C 158 1.76 40.19 44.97
C LYS C 158 0.32 40.69 45.12
N ALA C 159 -0.49 39.93 45.85
CA ALA C 159 -1.89 40.29 46.13
C ALA C 159 -1.98 41.58 46.95
N GLU C 160 -3.17 42.18 46.96
CA GLU C 160 -3.40 43.45 47.68
C GLU C 160 -3.37 43.31 49.20
N ASN C 161 -3.75 42.13 49.68
CA ASN C 161 -3.80 41.84 51.13
C ASN C 161 -2.49 41.29 51.72
N SER C 162 -1.55 40.93 50.84
CA SER C 162 -0.24 40.42 51.27
C SER C 162 0.76 41.54 51.56
N VAL C 163 0.44 42.75 51.10
CA VAL C 163 1.29 43.92 51.29
C VAL C 163 0.66 44.93 52.24
ZN ZN D . -25.06 -54.67 -27.52
ZN ZN E . 1.46 36.38 31.17
CA CA F . -5.26 41.59 25.23
CA CA G . -6.99 38.57 26.92
#